data_9VPR
#
_entry.id   9VPR
#
_cell.length_a   140.122
_cell.length_b   146.844
_cell.length_c   66.180
_cell.angle_alpha   90.00
_cell.angle_beta   90.00
_cell.angle_gamma   90.00
#
_symmetry.space_group_name_H-M   'P 21 21 2'
#
loop_
_entity.id
_entity.type
_entity.pdbx_description
1 polymer 'Dihydroorotate dehydrogenase (fumarate)'
2 non-polymer 'FLAVIN MONONUCLEOTIDE'
3 non-polymer 'MALONATE ION'
4 water water
#
_entity_poly.entity_id   1
_entity_poly.type   'polypeptide(L)'
_entity_poly.pdbx_seq_one_letter_code
;GPGSMSLKVNILGHEFSNPFMNAAGVLCTTEEDLRRMTESESGSLIGKSCTLAPRTGNPEPRYFGLPLGSINSMGLPNLG
VDFYLSYAAQTHDYSRKPLFLSMSGLSVEESVEMVKKLVPITKEKGTILELNLSAPNVPGKPQVGYDFDTTRTYLQKVSE
AYGLPFGVKMPPYFDIAHFDMAAAVLNDFPLVKFITCVNSIGNGLVIDPANETVVIKPKQGFGGLGGKYVLPTALANVNA
FFRRCPDKLVFGCGGVYSGEEAFLHILAGASMVQVGTALHDEGPIIFARLNKELQEIMTNKGYKTLDEFRGRVKTMD
;
_entity_poly.pdbx_strand_id   A,B,C,D
#
# COMPACT_ATOMS: atom_id res chain seq x y z
N MET A 5 -18.38 14.13 27.12
CA MET A 5 -18.31 14.06 25.64
C MET A 5 -19.22 15.12 25.03
N SER A 6 -18.77 15.71 23.90
CA SER A 6 -19.46 16.82 23.30
C SER A 6 -19.24 16.85 21.78
N LEU A 7 -20.34 17.08 21.04
CA LEU A 7 -20.30 17.26 19.60
C LEU A 7 -20.40 18.74 19.25
N LYS A 8 -20.26 19.62 20.25
CA LYS A 8 -20.51 21.05 20.09
C LYS A 8 -19.51 21.66 19.12
N VAL A 9 -19.99 22.65 18.36
CA VAL A 9 -19.19 23.42 17.41
C VAL A 9 -19.44 24.89 17.66
N ASN A 10 -18.36 25.67 17.84
CA ASN A 10 -18.44 27.10 18.02
C ASN A 10 -17.86 27.80 16.79
N ILE A 11 -18.73 28.24 15.88
CA ILE A 11 -18.33 28.97 14.70
C ILE A 11 -19.40 30.03 14.38
N LEU A 12 -18.98 31.08 13.65
CA LEU A 12 -19.88 32.08 13.11
C LEU A 12 -20.72 32.73 14.22
N GLY A 13 -20.19 32.70 15.46
CA GLY A 13 -20.82 33.37 16.59
C GLY A 13 -21.88 32.52 17.29
N HIS A 14 -22.01 31.24 16.90
CA HIS A 14 -23.04 30.37 17.45
C HIS A 14 -22.42 29.15 18.12
N GLU A 15 -23.19 28.55 19.04
CA GLU A 15 -22.90 27.22 19.57
C GLU A 15 -23.86 26.23 18.91
N PHE A 16 -23.33 25.43 17.97
CA PHE A 16 -24.08 24.34 17.36
C PHE A 16 -24.00 23.13 18.27
N SER A 17 -25.13 22.45 18.49
CA SER A 17 -25.20 21.29 19.37
C SER A 17 -24.34 20.15 18.81
N ASN A 18 -24.31 20.03 17.47
CA ASN A 18 -23.56 19.00 16.79
C ASN A 18 -23.21 19.52 15.40
N PRO A 19 -22.30 18.87 14.65
CA PRO A 19 -21.85 19.40 13.36
C PRO A 19 -22.78 19.13 12.17
N PHE A 20 -23.90 18.44 12.40
CA PHE A 20 -24.71 17.91 11.31
C PHE A 20 -25.80 18.90 10.90
N MET A 21 -26.04 18.96 9.59
CA MET A 21 -27.16 19.68 9.01
C MET A 21 -27.53 18.99 7.69
N ASN A 22 -28.67 19.38 7.10
CA ASN A 22 -29.05 18.89 5.79
C ASN A 22 -28.13 19.55 4.74
N ALA A 23 -27.92 18.85 3.63
CA ALA A 23 -27.39 19.46 2.43
C ALA A 23 -28.50 20.30 1.80
N ALA A 24 -28.13 21.46 1.24
CA ALA A 24 -29.09 22.31 0.56
C ALA A 24 -29.83 21.48 -0.48
N GLY A 25 -31.16 21.64 -0.54
CA GLY A 25 -31.98 20.96 -1.51
C GLY A 25 -32.71 19.74 -0.94
N VAL A 26 -32.22 19.20 0.19
CA VAL A 26 -32.81 18.02 0.78
C VAL A 26 -33.55 18.42 2.07
N LEU A 27 -34.86 18.11 2.10
CA LEU A 27 -35.74 18.36 3.23
C LEU A 27 -35.66 19.82 3.67
N CYS A 28 -35.89 20.75 2.73
CA CYS A 28 -35.77 22.17 3.05
C CYS A 28 -36.44 23.08 2.02
N THR A 29 -37.42 22.58 1.26
CA THR A 29 -38.05 23.41 0.23
C THR A 29 -39.30 24.09 0.79
N THR A 30 -40.12 23.34 1.56
CA THR A 30 -41.38 23.85 2.07
C THR A 30 -41.26 24.19 3.55
N GLU A 31 -42.30 24.84 4.09
CA GLU A 31 -42.39 25.17 5.50
C GLU A 31 -42.43 23.88 6.33
N GLU A 32 -43.12 22.86 5.82
CA GLU A 32 -43.23 21.57 6.50
C GLU A 32 -41.85 20.91 6.55
N ASP A 33 -41.10 20.97 5.44
CA ASP A 33 -39.75 20.44 5.38
C ASP A 33 -38.88 21.08 6.46
N LEU A 34 -38.92 22.42 6.54
CA LEU A 34 -38.07 23.18 7.43
C LEU A 34 -38.46 22.93 8.88
N ARG A 35 -39.75 22.69 9.13
CA ARG A 35 -40.24 22.35 10.46
C ARG A 35 -39.62 21.04 10.92
N ARG A 36 -39.60 20.05 10.02
CA ARG A 36 -39.11 18.72 10.35
C ARG A 36 -37.60 18.77 10.60
N MET A 37 -36.88 19.59 9.83
CA MET A 37 -35.45 19.78 10.04
C MET A 37 -35.21 20.46 11.39
N THR A 38 -36.05 21.45 11.74
CA THR A 38 -35.91 22.17 12.99
C THR A 38 -36.20 21.25 14.17
N GLU A 39 -37.16 20.33 14.01
CA GLU A 39 -37.55 19.40 15.06
C GLU A 39 -36.53 18.27 15.20
N SER A 40 -35.70 18.05 14.18
CA SER A 40 -34.72 16.98 14.18
C SER A 40 -33.60 17.27 15.18
N GLU A 41 -32.69 16.30 15.34
CA GLU A 41 -31.55 16.39 16.23
C GLU A 41 -30.38 17.11 15.55
N SER A 42 -30.59 17.59 14.31
CA SER A 42 -29.53 18.25 13.56
C SER A 42 -29.05 19.49 14.31
N GLY A 43 -27.75 19.81 14.16
CA GLY A 43 -27.17 20.99 14.77
C GLY A 43 -27.61 22.27 14.06
N SER A 44 -27.96 22.16 12.77
CA SER A 44 -28.43 23.30 12.00
C SER A 44 -29.28 22.82 10.82
N LEU A 45 -29.67 23.76 9.96
CA LEU A 45 -30.40 23.48 8.75
C LEU A 45 -30.14 24.58 7.73
N ILE A 46 -30.34 24.26 6.45
CA ILE A 46 -30.18 25.22 5.36
C ILE A 46 -31.39 25.12 4.44
N GLY A 47 -31.92 26.27 4.02
CA GLY A 47 -33.05 26.34 3.11
C GLY A 47 -32.64 25.94 1.70
N LYS A 48 -33.65 25.59 0.88
CA LYS A 48 -33.44 25.24 -0.51
C LYS A 48 -32.80 26.41 -1.24
N SER A 49 -31.83 26.12 -2.11
CA SER A 49 -31.26 27.12 -3.00
C SER A 49 -32.38 27.81 -3.76
N CYS A 50 -32.55 29.12 -3.53
CA CYS A 50 -33.71 29.83 -4.02
C CYS A 50 -33.31 30.80 -5.13
N THR A 51 -34.33 31.24 -5.89
CA THR A 51 -34.18 32.23 -6.94
C THR A 51 -35.12 33.39 -6.62
N LEU A 52 -35.02 34.48 -7.40
CA LEU A 52 -35.75 35.71 -7.11
C LEU A 52 -37.26 35.45 -7.24
N ALA A 53 -37.64 34.70 -8.28
CA ALA A 53 -39.02 34.27 -8.47
C ALA A 53 -39.11 32.78 -8.16
N PRO A 54 -40.31 32.24 -7.85
CA PRO A 54 -40.49 30.79 -7.68
C PRO A 54 -40.17 29.98 -8.94
N ARG A 55 -39.79 28.72 -8.72
CA ARG A 55 -39.57 27.75 -9.79
C ARG A 55 -40.21 26.43 -9.39
N THR A 56 -40.78 25.72 -10.38
CA THR A 56 -41.31 24.38 -10.16
C THR A 56 -40.29 23.34 -10.60
N GLY A 57 -39.25 23.77 -11.31
CA GLY A 57 -38.12 22.90 -11.64
C GLY A 57 -38.36 22.09 -12.90
N ASN A 58 -37.57 21.02 -13.05
CA ASN A 58 -37.52 20.21 -14.26
C ASN A 58 -38.68 19.21 -14.28
N PRO A 59 -39.05 18.67 -15.46
CA PRO A 59 -40.09 17.65 -15.55
C PRO A 59 -39.66 16.29 -14.99
N GLU A 60 -40.66 15.43 -14.72
CA GLU A 60 -40.45 14.12 -14.13
C GLU A 60 -40.20 13.02 -15.16
N PRO A 61 -39.49 11.92 -14.80
CA PRO A 61 -38.82 11.78 -13.51
C PRO A 61 -37.48 12.51 -13.47
N ARG A 62 -37.20 13.17 -12.33
CA ARG A 62 -36.02 14.00 -12.19
C ARG A 62 -35.16 13.57 -11.00
N TYR A 63 -35.56 12.50 -10.31
CA TYR A 63 -34.77 11.92 -9.23
C TYR A 63 -34.80 10.40 -9.36
N PHE A 64 -33.65 9.76 -9.13
CA PHE A 64 -33.57 8.32 -9.15
C PHE A 64 -32.55 7.85 -8.11
N GLY A 65 -33.04 7.10 -7.12
CA GLY A 65 -32.19 6.50 -6.10
C GLY A 65 -31.40 5.32 -6.67
N LEU A 66 -30.12 5.24 -6.30
CA LEU A 66 -29.20 4.24 -6.81
C LEU A 66 -28.67 3.40 -5.65
N PRO A 67 -28.19 2.16 -5.90
CA PRO A 67 -27.47 1.40 -4.88
C PRO A 67 -26.34 2.17 -4.20
N LEU A 68 -25.61 2.98 -4.97
CA LEU A 68 -24.43 3.68 -4.47
C LEU A 68 -24.69 5.18 -4.29
N GLY A 69 -25.95 5.61 -4.42
CA GLY A 69 -26.30 6.99 -4.10
C GLY A 69 -27.56 7.45 -4.83
N SER A 70 -27.42 8.55 -5.59
CA SER A 70 -28.55 9.17 -6.26
C SER A 70 -28.08 9.90 -7.52
N ILE A 71 -28.98 10.04 -8.48
CA ILE A 71 -28.84 10.98 -9.58
C ILE A 71 -30.10 11.85 -9.61
N ASN A 72 -29.91 13.15 -9.84
CA ASN A 72 -31.04 14.07 -9.87
C ASN A 72 -30.79 15.18 -10.89
N SER A 73 -31.90 15.71 -11.42
CA SER A 73 -31.90 16.96 -12.15
C SER A 73 -33.14 17.76 -11.73
N MET A 74 -33.16 18.17 -10.45
CA MET A 74 -34.34 18.79 -9.86
C MET A 74 -34.67 20.09 -10.58
N GLY A 75 -33.65 20.92 -10.85
CA GLY A 75 -33.82 22.17 -11.59
C GLY A 75 -34.19 23.34 -10.69
N LEU A 76 -33.73 23.30 -9.43
CA LEU A 76 -33.91 24.38 -8.46
C LEU A 76 -35.38 24.70 -8.27
N PRO A 77 -36.24 23.71 -7.94
CA PRO A 77 -37.60 24.00 -7.52
C PRO A 77 -37.61 24.68 -6.14
N ASN A 78 -38.22 25.88 -6.07
CA ASN A 78 -38.18 26.66 -4.85
C ASN A 78 -39.33 27.66 -4.85
N LEU A 79 -39.68 28.14 -3.64
CA LEU A 79 -40.85 28.97 -3.43
C LEU A 79 -40.53 30.45 -3.62
N GLY A 80 -39.29 30.76 -4.04
CA GLY A 80 -38.88 32.14 -4.28
C GLY A 80 -38.26 32.75 -3.03
N VAL A 81 -37.39 33.76 -3.23
CA VAL A 81 -36.58 34.30 -2.15
C VAL A 81 -37.47 34.86 -1.04
N ASP A 82 -38.59 35.49 -1.41
CA ASP A 82 -39.47 36.13 -0.45
C ASP A 82 -39.99 35.13 0.58
N PHE A 83 -40.23 33.88 0.15
CA PHE A 83 -40.73 32.84 1.04
C PHE A 83 -39.68 32.53 2.12
N TYR A 84 -38.42 32.32 1.71
CA TYR A 84 -37.39 31.86 2.61
C TYR A 84 -36.97 33.01 3.54
N LEU A 85 -37.02 34.25 3.04
CA LEU A 85 -36.76 35.42 3.86
C LEU A 85 -37.82 35.53 4.95
N SER A 86 -39.09 35.32 4.57
CA SER A 86 -40.21 35.35 5.49
C SER A 86 -40.07 34.25 6.53
N TYR A 87 -39.63 33.07 6.11
CA TYR A 87 -39.38 31.96 7.01
C TYR A 87 -38.31 32.37 8.03
N ALA A 88 -37.21 32.95 7.53
CA ALA A 88 -36.07 33.33 8.35
C ALA A 88 -36.46 34.42 9.34
N ALA A 89 -37.38 35.31 8.95
CA ALA A 89 -37.71 36.50 9.73
C ALA A 89 -38.81 36.21 10.75
N GLN A 90 -39.73 35.28 10.45
CA GLN A 90 -40.96 35.15 11.21
C GLN A 90 -41.16 33.75 11.78
N THR A 91 -40.84 32.70 11.01
CA THR A 91 -41.27 31.35 11.34
C THR A 91 -40.20 30.61 12.14
N HIS A 92 -38.93 30.67 11.68
CA HIS A 92 -37.89 29.82 12.23
C HIS A 92 -37.69 30.07 13.72
N ASP A 93 -37.50 28.97 14.47
CA ASP A 93 -37.21 29.01 15.89
C ASP A 93 -35.69 28.98 16.08
N TYR A 94 -35.10 30.15 16.37
CA TYR A 94 -33.66 30.30 16.51
C TYR A 94 -33.19 29.75 17.86
N SER A 95 -34.12 29.54 18.80
CA SER A 95 -33.79 28.93 20.07
C SER A 95 -33.44 27.45 19.89
N ARG A 96 -33.97 26.84 18.81
CA ARG A 96 -33.68 25.45 18.50
C ARG A 96 -32.28 25.33 17.89
N LYS A 97 -32.02 26.09 16.82
CA LYS A 97 -30.76 26.01 16.10
C LYS A 97 -30.63 27.17 15.12
N PRO A 98 -29.39 27.55 14.70
CA PRO A 98 -29.19 28.57 13.67
C PRO A 98 -29.71 28.16 12.31
N LEU A 99 -29.97 29.16 11.45
CA LEU A 99 -30.49 28.94 10.12
C LEU A 99 -29.52 29.47 9.06
N PHE A 100 -29.29 28.65 8.04
CA PHE A 100 -28.62 29.09 6.81
C PHE A 100 -29.67 29.21 5.71
N LEU A 101 -29.45 30.13 4.77
CA LEU A 101 -30.22 30.19 3.53
C LEU A 101 -29.24 30.06 2.35
N SER A 102 -29.60 29.19 1.41
CA SER A 102 -28.85 29.05 0.17
C SER A 102 -29.50 29.93 -0.90
N MET A 103 -28.69 30.72 -1.61
CA MET A 103 -29.18 31.57 -2.67
C MET A 103 -28.44 31.24 -3.96
N SER A 104 -29.22 31.01 -5.03
CA SER A 104 -28.71 30.53 -6.30
C SER A 104 -29.41 31.24 -7.46
N GLY A 105 -29.27 32.58 -7.49
CA GLY A 105 -29.71 33.36 -8.64
C GLY A 105 -29.01 32.89 -9.91
N LEU A 106 -29.68 33.01 -11.05
CA LEU A 106 -29.18 32.47 -12.31
C LEU A 106 -28.34 33.53 -13.04
N SER A 107 -28.15 34.69 -12.41
CA SER A 107 -27.22 35.71 -12.89
C SER A 107 -26.71 36.50 -11.68
N VAL A 108 -25.61 37.25 -11.87
CA VAL A 108 -25.05 38.04 -10.80
C VAL A 108 -26.05 39.14 -10.42
N GLU A 109 -26.81 39.63 -11.40
CA GLU A 109 -27.79 40.68 -11.18
C GLU A 109 -28.91 40.18 -10.27
N GLU A 110 -29.33 38.93 -10.49
CA GLU A 110 -30.37 38.30 -9.67
C GLU A 110 -29.85 38.10 -8.25
N SER A 111 -28.62 37.61 -8.12
CA SER A 111 -28.02 37.32 -6.82
C SER A 111 -27.90 38.61 -5.99
N VAL A 112 -27.48 39.70 -6.63
CA VAL A 112 -27.30 40.98 -5.96
C VAL A 112 -28.62 41.43 -5.34
N GLU A 113 -29.70 41.36 -6.13
CA GLU A 113 -31.02 41.76 -5.68
C GLU A 113 -31.44 40.93 -4.47
N MET A 114 -31.17 39.61 -4.52
CA MET A 114 -31.59 38.68 -3.48
C MET A 114 -30.84 38.96 -2.17
N VAL A 115 -29.51 39.09 -2.24
CA VAL A 115 -28.70 39.19 -1.04
C VAL A 115 -28.96 40.53 -0.35
N LYS A 116 -29.33 41.56 -1.12
CA LYS A 116 -29.69 42.86 -0.56
C LYS A 116 -30.91 42.72 0.35
N LYS A 117 -31.87 41.87 -0.04
CA LYS A 117 -33.08 41.66 0.75
C LYS A 117 -32.76 40.94 2.05
N LEU A 118 -31.67 40.14 2.05
CA LEU A 118 -31.30 39.34 3.21
C LEU A 118 -30.67 40.21 4.31
N VAL A 119 -30.01 41.31 3.91
CA VAL A 119 -29.22 42.13 4.82
C VAL A 119 -29.99 42.40 6.12
N PRO A 120 -31.18 43.05 6.07
CA PRO A 120 -31.91 43.40 7.29
C PRO A 120 -32.26 42.21 8.17
N ILE A 121 -32.49 41.04 7.56
CA ILE A 121 -32.88 39.84 8.28
C ILE A 121 -31.66 39.23 8.98
N THR A 122 -30.49 39.25 8.31
CA THR A 122 -29.25 38.83 8.92
C THR A 122 -28.97 39.69 10.14
N LYS A 123 -29.18 41.00 10.01
CA LYS A 123 -28.92 41.95 11.09
C LYS A 123 -29.86 41.71 12.27
N GLU A 124 -31.12 41.39 11.98
CA GLU A 124 -32.15 41.22 13.00
C GLU A 124 -32.03 39.85 13.66
N LYS A 125 -31.90 38.80 12.84
CA LYS A 125 -32.10 37.43 13.30
C LYS A 125 -30.80 36.62 13.31
N GLY A 126 -29.82 37.00 12.49
CA GLY A 126 -28.54 36.30 12.44
C GLY A 126 -28.52 35.18 11.41
N THR A 127 -29.46 35.21 10.44
CA THR A 127 -29.54 34.26 9.36
C THR A 127 -28.22 34.29 8.56
N ILE A 128 -27.70 33.12 8.18
CA ILE A 128 -26.42 33.01 7.50
C ILE A 128 -26.66 32.71 6.01
N LEU A 129 -25.85 33.34 5.15
CA LEU A 129 -25.94 33.17 3.70
C LEU A 129 -24.94 32.12 3.22
N GLU A 130 -25.42 31.17 2.40
CA GLU A 130 -24.58 30.30 1.59
C GLU A 130 -24.86 30.59 0.11
N LEU A 131 -23.91 31.23 -0.58
CA LEU A 131 -24.03 31.56 -1.99
C LEU A 131 -23.69 30.33 -2.83
N ASN A 132 -24.64 29.89 -3.67
CA ASN A 132 -24.48 28.67 -4.45
C ASN A 132 -23.78 29.00 -5.77
N LEU A 133 -22.59 28.45 -5.96
CA LEU A 133 -21.81 28.64 -7.18
C LEU A 133 -21.68 27.35 -7.97
N SER A 134 -22.64 26.41 -7.85
N SER A 134 -22.63 26.43 -7.77
CA SER A 134 -22.50 25.11 -8.47
CA SER A 134 -22.68 25.15 -8.46
C SER A 134 -23.84 24.42 -8.65
C SER A 134 -23.92 25.10 -9.33
N ALA A 135 -24.79 25.10 -9.29
N ALA A 135 -24.97 24.45 -8.83
CA ALA A 135 -26.08 24.49 -9.61
CA ALA A 135 -26.25 24.38 -9.53
C ALA A 135 -26.02 23.81 -10.97
C ALA A 135 -26.04 23.81 -10.92
N PRO A 136 -25.83 22.48 -11.05
CA PRO A 136 -25.53 21.83 -12.33
C PRO A 136 -26.70 21.30 -13.15
N ASN A 137 -27.95 21.63 -12.76
CA ASN A 137 -29.11 21.00 -13.36
C ASN A 137 -30.06 22.02 -13.98
N VAL A 138 -29.56 23.23 -14.28
CA VAL A 138 -30.34 24.25 -14.96
C VAL A 138 -29.87 24.28 -16.42
N PRO A 139 -30.70 23.87 -17.40
CA PRO A 139 -30.29 23.89 -18.80
C PRO A 139 -29.84 25.27 -19.28
N GLY A 140 -28.62 25.32 -19.84
CA GLY A 140 -28.10 26.54 -20.44
C GLY A 140 -27.31 27.41 -19.46
N LYS A 141 -27.20 26.98 -18.20
CA LYS A 141 -26.48 27.72 -17.18
C LYS A 141 -25.29 26.89 -16.69
N PRO A 142 -24.04 27.23 -17.08
CA PRO A 142 -22.86 26.54 -16.54
C PRO A 142 -22.66 26.78 -15.05
N GLN A 143 -21.92 25.87 -14.41
CA GLN A 143 -21.59 26.01 -12.99
C GLN A 143 -20.60 27.16 -12.84
N VAL A 144 -20.99 28.18 -12.07
CA VAL A 144 -20.23 29.41 -11.95
C VAL A 144 -18.82 29.11 -11.42
N GLY A 145 -18.72 28.17 -10.48
CA GLY A 145 -17.46 27.83 -9.85
C GLY A 145 -16.40 27.27 -10.80
N TYR A 146 -16.79 26.89 -12.03
CA TYR A 146 -15.86 26.36 -13.01
C TYR A 146 -15.34 27.47 -13.92
N ASP A 147 -15.83 28.70 -13.74
CA ASP A 147 -15.28 29.87 -14.41
C ASP A 147 -14.79 30.86 -13.36
N PHE A 148 -13.48 31.02 -13.27
CA PHE A 148 -12.86 31.74 -12.16
C PHE A 148 -13.02 33.26 -12.34
N ASP A 149 -13.23 33.70 -13.59
CA ASP A 149 -13.51 35.11 -13.86
C ASP A 149 -14.94 35.43 -13.42
N THR A 150 -15.90 34.57 -13.79
CA THR A 150 -17.29 34.73 -13.39
C THR A 150 -17.39 34.63 -11.87
N THR A 151 -16.66 33.68 -11.26
CA THR A 151 -16.69 33.50 -9.82
C THR A 151 -16.23 34.79 -9.13
N ARG A 152 -15.17 35.41 -9.67
CA ARG A 152 -14.62 36.63 -9.10
C ARG A 152 -15.66 37.76 -9.16
N THR A 153 -16.41 37.85 -10.27
CA THR A 153 -17.44 38.85 -10.44
C THR A 153 -18.53 38.67 -9.39
N TYR A 154 -19.03 37.44 -9.24
CA TYR A 154 -20.09 37.13 -8.28
C TYR A 154 -19.66 37.53 -6.88
N LEU A 155 -18.44 37.14 -6.49
CA LEU A 155 -17.95 37.37 -5.14
C LEU A 155 -17.75 38.87 -4.90
N GLN A 156 -17.33 39.61 -5.93
CA GLN A 156 -17.13 41.05 -5.83
C GLN A 156 -18.49 41.72 -5.61
N LYS A 157 -19.47 41.39 -6.46
CA LYS A 157 -20.78 42.03 -6.44
C LYS A 157 -21.54 41.68 -5.17
N VAL A 158 -21.46 40.42 -4.72
CA VAL A 158 -22.18 39.97 -3.54
C VAL A 158 -21.53 40.57 -2.28
N SER A 159 -20.19 40.59 -2.24
CA SER A 159 -19.46 41.23 -1.15
C SER A 159 -19.91 42.68 -1.00
N GLU A 160 -20.04 43.36 -2.13
CA GLU A 160 -20.41 44.77 -2.19
C GLU A 160 -21.86 44.97 -1.74
N ALA A 161 -22.76 44.10 -2.22
CA ALA A 161 -24.20 44.28 -2.02
C ALA A 161 -24.63 43.79 -0.63
N TYR A 162 -24.03 42.70 -0.16
CA TYR A 162 -24.41 42.08 1.10
C TYR A 162 -23.61 42.70 2.24
N GLY A 163 -22.28 42.71 2.10
CA GLY A 163 -21.39 43.46 2.97
C GLY A 163 -21.22 42.82 4.36
N LEU A 164 -21.64 41.57 4.51
CA LEU A 164 -21.52 40.84 5.77
C LEU A 164 -20.87 39.50 5.49
N PRO A 165 -20.27 38.82 6.51
CA PRO A 165 -19.74 37.47 6.31
C PRO A 165 -20.74 36.51 5.70
N PHE A 166 -20.30 35.73 4.71
CA PHE A 166 -21.13 34.74 4.06
C PHE A 166 -20.26 33.56 3.63
N GLY A 167 -20.90 32.50 3.13
CA GLY A 167 -20.19 31.33 2.63
C GLY A 167 -20.58 31.01 1.18
N VAL A 168 -19.87 30.03 0.61
CA VAL A 168 -20.05 29.65 -0.78
C VAL A 168 -20.17 28.13 -0.86
N LYS A 169 -21.06 27.66 -1.73
CA LYS A 169 -21.17 26.25 -2.09
C LYS A 169 -20.44 26.03 -3.40
N MET A 170 -19.38 25.22 -3.37
CA MET A 170 -18.49 25.06 -4.52
C MET A 170 -18.82 23.77 -5.25
N PRO A 171 -18.57 23.69 -6.58
CA PRO A 171 -18.58 22.42 -7.28
C PRO A 171 -17.30 21.66 -6.98
N PRO A 172 -17.25 20.32 -7.17
CA PRO A 172 -16.02 19.59 -6.94
C PRO A 172 -14.97 19.87 -8.01
N TYR A 173 -13.71 20.04 -7.57
CA TYR A 173 -12.58 20.19 -8.47
C TYR A 173 -11.78 18.89 -8.48
N PHE A 174 -11.10 18.63 -9.60
CA PHE A 174 -10.45 17.36 -9.85
C PHE A 174 -9.00 17.53 -10.30
N ASP A 175 -8.47 18.74 -10.13
CA ASP A 175 -7.14 19.06 -10.61
C ASP A 175 -6.48 20.03 -9.63
N ILE A 176 -5.20 19.80 -9.32
CA ILE A 176 -4.47 20.60 -8.36
C ILE A 176 -4.46 22.06 -8.81
N ALA A 177 -4.33 22.28 -10.12
CA ALA A 177 -4.34 23.63 -10.68
C ALA A 177 -5.64 24.35 -10.36
N HIS A 178 -6.76 23.61 -10.37
CA HIS A 178 -8.07 24.19 -10.11
C HIS A 178 -8.23 24.54 -8.63
N PHE A 179 -7.71 23.69 -7.73
CA PHE A 179 -7.69 24.00 -6.30
C PHE A 179 -6.94 25.32 -6.08
N ASP A 180 -5.79 25.47 -6.76
CA ASP A 180 -4.95 26.65 -6.62
C ASP A 180 -5.69 27.88 -7.15
N MET A 181 -6.30 27.75 -8.33
CA MET A 181 -7.00 28.87 -8.96
C MET A 181 -8.23 29.27 -8.14
N ALA A 182 -8.97 28.26 -7.65
CA ALA A 182 -10.16 28.50 -6.85
C ALA A 182 -9.80 29.23 -5.56
N ALA A 183 -8.74 28.77 -4.88
CA ALA A 183 -8.32 29.35 -3.61
C ALA A 183 -7.84 30.79 -3.81
N ALA A 184 -7.18 31.06 -4.94
CA ALA A 184 -6.64 32.38 -5.22
C ALA A 184 -7.76 33.40 -5.33
N VAL A 185 -8.90 32.99 -5.91
CA VAL A 185 -10.06 33.87 -6.01
C VAL A 185 -10.68 34.03 -4.62
N LEU A 186 -10.94 32.92 -3.94
CA LEU A 186 -11.63 32.93 -2.65
C LEU A 186 -10.84 33.77 -1.64
N ASN A 187 -9.51 33.68 -1.67
CA ASN A 187 -8.66 34.33 -0.69
C ASN A 187 -8.60 35.83 -0.91
N ASP A 188 -9.16 36.33 -2.02
CA ASP A 188 -9.22 37.76 -2.29
C ASP A 188 -10.49 38.38 -1.70
N PHE A 189 -11.38 37.56 -1.11
CA PHE A 189 -12.64 38.04 -0.59
C PHE A 189 -12.73 37.69 0.90
N PRO A 190 -12.38 38.64 1.80
CA PRO A 190 -12.37 38.39 3.24
C PRO A 190 -13.75 38.14 3.85
N LEU A 191 -14.83 38.53 3.14
CA LEU A 191 -16.18 38.32 3.64
C LEU A 191 -16.61 36.87 3.46
N VAL A 192 -15.92 36.13 2.57
CA VAL A 192 -16.19 34.70 2.42
C VAL A 192 -15.56 33.98 3.62
N LYS A 193 -16.40 33.56 4.55
CA LYS A 193 -15.96 33.04 5.84
C LYS A 193 -15.98 31.51 5.84
N PHE A 194 -16.82 30.89 5.00
CA PHE A 194 -16.84 29.44 4.91
C PHE A 194 -17.02 28.99 3.46
N ILE A 195 -16.47 27.78 3.19
CA ILE A 195 -16.53 27.13 1.90
C ILE A 195 -17.18 25.76 2.11
N THR A 196 -18.30 25.49 1.42
CA THR A 196 -18.92 24.18 1.48
C THR A 196 -18.45 23.35 0.28
N CYS A 197 -17.81 22.21 0.58
CA CYS A 197 -17.30 21.27 -0.40
C CYS A 197 -17.94 19.91 -0.13
N VAL A 198 -18.71 19.33 -1.07
CA VAL A 198 -18.87 19.76 -2.45
C VAL A 198 -20.35 19.65 -2.83
N ASN A 199 -20.72 20.27 -3.95
CA ASN A 199 -21.98 19.99 -4.61
C ASN A 199 -21.86 18.65 -5.34
N SER A 200 -22.96 18.21 -5.95
CA SER A 200 -23.00 16.98 -6.73
C SER A 200 -21.86 16.92 -7.74
N ILE A 201 -21.37 15.71 -8.02
CA ILE A 201 -20.55 15.47 -9.19
C ILE A 201 -21.46 15.61 -10.41
N GLY A 202 -21.22 16.67 -11.20
CA GLY A 202 -22.17 17.12 -12.20
C GLY A 202 -22.23 16.22 -13.43
N ASN A 203 -23.43 16.11 -14.01
CA ASN A 203 -23.63 15.62 -15.37
C ASN A 203 -23.11 14.19 -15.51
N GLY A 204 -23.47 13.33 -14.56
CA GLY A 204 -23.37 11.90 -14.73
C GLY A 204 -24.54 11.35 -15.54
N LEU A 205 -24.44 10.09 -15.96
CA LEU A 205 -25.45 9.45 -16.78
C LEU A 205 -25.68 8.02 -16.30
N VAL A 206 -26.93 7.70 -15.98
CA VAL A 206 -27.33 6.36 -15.55
C VAL A 206 -28.32 5.81 -16.57
N ILE A 207 -28.07 4.57 -17.03
CA ILE A 207 -28.90 3.90 -18.01
C ILE A 207 -29.38 2.57 -17.42
N ASP A 208 -30.66 2.26 -17.64
CA ASP A 208 -31.23 0.99 -17.24
C ASP A 208 -30.97 -0.02 -18.36
N PRO A 209 -30.22 -1.12 -18.12
CA PRO A 209 -29.90 -2.07 -19.18
C PRO A 209 -31.11 -2.82 -19.74
N ALA A 210 -32.17 -2.96 -18.92
CA ALA A 210 -33.35 -3.72 -19.30
C ALA A 210 -34.09 -3.03 -20.46
N ASN A 211 -34.36 -1.72 -20.31
CA ASN A 211 -35.13 -0.99 -21.31
C ASN A 211 -34.21 -0.09 -22.15
N GLU A 212 -32.90 -0.09 -21.84
CA GLU A 212 -31.91 0.63 -22.63
C GLU A 212 -32.21 2.14 -22.61
N THR A 213 -32.80 2.62 -21.50
CA THR A 213 -33.27 3.99 -21.39
C THR A 213 -32.60 4.65 -20.18
N VAL A 214 -32.37 5.96 -20.30
CA VAL A 214 -31.89 6.78 -19.19
C VAL A 214 -32.95 6.79 -18.09
N VAL A 215 -32.55 7.07 -16.85
CA VAL A 215 -33.44 6.90 -15.71
C VAL A 215 -34.08 8.22 -15.30
N ILE A 216 -33.57 9.36 -15.80
CA ILE A 216 -34.19 10.65 -15.55
C ILE A 216 -34.45 11.35 -16.90
N LYS A 217 -35.46 12.22 -16.91
CA LYS A 217 -35.96 12.83 -18.14
C LYS A 217 -35.12 14.03 -18.58
N PRO A 218 -34.79 15.00 -17.70
CA PRO A 218 -34.12 16.22 -18.14
C PRO A 218 -32.72 16.00 -18.71
N LYS A 219 -32.34 16.86 -19.67
CA LYS A 219 -30.98 16.95 -20.18
C LYS A 219 -30.48 15.60 -20.70
N GLN A 220 -31.37 14.85 -21.36
CA GLN A 220 -31.01 13.59 -22.01
C GLN A 220 -30.45 12.61 -20.98
N GLY A 221 -30.88 12.75 -19.71
CA GLY A 221 -30.55 11.81 -18.66
C GLY A 221 -29.36 12.24 -17.81
N PHE A 222 -28.78 13.42 -18.13
CA PHE A 222 -27.61 13.91 -17.43
C PHE A 222 -28.06 14.59 -16.14
N GLY A 223 -27.43 14.20 -15.02
CA GLY A 223 -27.82 14.70 -13.71
C GLY A 223 -26.67 14.62 -12.70
N GLY A 224 -26.85 15.32 -11.58
CA GLY A 224 -25.84 15.36 -10.53
C GLY A 224 -25.84 14.09 -9.68
N LEU A 225 -24.64 13.59 -9.38
CA LEU A 225 -24.46 12.39 -8.58
C LEU A 225 -24.25 12.78 -7.11
N GLY A 226 -24.91 12.04 -6.21
CA GLY A 226 -24.67 12.15 -4.78
C GLY A 226 -24.48 10.77 -4.15
N GLY A 227 -24.09 10.76 -2.88
CA GLY A 227 -23.99 9.52 -2.11
C GLY A 227 -22.57 8.95 -2.13
N LYS A 228 -22.49 7.61 -2.17
CA LYS A 228 -21.23 6.91 -2.01
C LYS A 228 -20.25 7.24 -3.14
N TYR A 229 -20.79 7.69 -4.28
CA TYR A 229 -19.99 8.06 -5.43
C TYR A 229 -18.99 9.17 -5.10
N VAL A 230 -19.36 10.08 -4.18
CA VAL A 230 -18.71 11.38 -4.10
C VAL A 230 -17.80 11.51 -2.88
N LEU A 231 -17.70 10.47 -2.03
CA LEU A 231 -17.02 10.62 -0.75
C LEU A 231 -15.55 10.98 -0.97
N PRO A 232 -14.76 10.23 -1.77
CA PRO A 232 -13.35 10.57 -1.97
C PRO A 232 -13.13 11.96 -2.56
N THR A 233 -14.00 12.37 -3.50
CA THR A 233 -13.92 13.68 -4.09
C THR A 233 -14.21 14.75 -3.03
N ALA A 234 -15.23 14.50 -2.19
CA ALA A 234 -15.64 15.42 -1.16
C ALA A 234 -14.51 15.64 -0.15
N LEU A 235 -13.90 14.54 0.31
CA LEU A 235 -12.82 14.61 1.30
C LEU A 235 -11.64 15.38 0.73
N ALA A 236 -11.32 15.17 -0.55
CA ALA A 236 -10.20 15.83 -1.20
C ALA A 236 -10.44 17.34 -1.27
N ASN A 237 -11.65 17.75 -1.64
CA ASN A 237 -11.98 19.15 -1.77
C ASN A 237 -11.94 19.81 -0.39
N VAL A 238 -12.54 19.16 0.62
CA VAL A 238 -12.53 19.65 1.98
C VAL A 238 -11.09 19.93 2.42
N ASN A 239 -10.20 18.93 2.22
CA ASN A 239 -8.84 19.01 2.72
C ASN A 239 -8.03 20.03 1.92
N ALA A 240 -8.29 20.12 0.61
CA ALA A 240 -7.57 21.03 -0.27
C ALA A 240 -7.80 22.49 0.14
N PHE A 241 -9.06 22.82 0.45
CA PHE A 241 -9.42 24.19 0.81
C PHE A 241 -9.12 24.46 2.27
N PHE A 242 -9.16 23.41 3.11
CA PHE A 242 -8.77 23.54 4.51
C PHE A 242 -7.33 24.05 4.58
N ARG A 243 -6.46 23.53 3.71
CA ARG A 243 -5.05 23.88 3.71
C ARG A 243 -4.80 25.19 2.96
N ARG A 244 -5.57 25.44 1.88
CA ARG A 244 -5.30 26.57 1.00
C ARG A 244 -5.97 27.85 1.50
N CYS A 245 -7.05 27.73 2.26
CA CYS A 245 -7.76 28.87 2.81
C CYS A 245 -7.75 28.79 4.33
N PRO A 246 -6.61 29.06 5.00
CA PRO A 246 -6.50 28.90 6.45
C PRO A 246 -7.35 29.90 7.25
N ASP A 247 -7.71 31.03 6.62
CA ASP A 247 -8.49 32.08 7.26
C ASP A 247 -9.98 31.87 7.06
N LYS A 248 -10.38 30.70 6.52
CA LYS A 248 -11.78 30.40 6.27
C LYS A 248 -12.14 29.06 6.90
N LEU A 249 -13.43 28.85 7.14
CA LEU A 249 -13.96 27.57 7.56
C LEU A 249 -14.25 26.73 6.33
N VAL A 250 -14.24 25.40 6.51
CA VAL A 250 -14.69 24.48 5.46
C VAL A 250 -15.80 23.60 6.03
N PHE A 251 -16.90 23.50 5.29
CA PHE A 251 -17.98 22.58 5.59
C PHE A 251 -17.87 21.40 4.61
N GLY A 252 -18.06 20.18 5.13
CA GLY A 252 -18.03 18.99 4.31
C GLY A 252 -19.42 18.59 3.85
N CYS A 253 -19.53 18.20 2.58
CA CYS A 253 -20.77 17.70 2.01
C CYS A 253 -20.43 16.65 0.95
N GLY A 254 -20.98 15.43 1.12
CA GLY A 254 -20.81 14.37 0.14
C GLY A 254 -20.52 13.03 0.79
N GLY A 255 -21.42 12.06 0.57
CA GLY A 255 -21.16 10.66 0.84
C GLY A 255 -21.29 10.28 2.31
N VAL A 256 -21.95 11.11 3.11
CA VAL A 256 -22.10 10.84 4.53
C VAL A 256 -23.34 9.97 4.74
N TYR A 257 -23.13 8.73 5.20
CA TYR A 257 -24.21 7.81 5.54
C TYR A 257 -24.11 7.37 6.99
N SER A 258 -22.96 7.63 7.64
CA SER A 258 -22.68 7.10 8.97
C SER A 258 -21.77 8.06 9.72
N GLY A 259 -21.57 7.77 11.01
CA GLY A 259 -20.64 8.50 11.85
C GLY A 259 -19.21 8.39 11.34
N GLU A 260 -18.89 7.27 10.69
CA GLU A 260 -17.56 7.03 10.15
C GLU A 260 -17.23 8.08 9.09
N GLU A 261 -18.13 8.29 8.12
CA GLU A 261 -17.89 9.24 7.07
C GLU A 261 -17.82 10.66 7.65
N ALA A 262 -18.66 10.94 8.65
CA ALA A 262 -18.65 12.23 9.32
C ALA A 262 -17.30 12.48 9.98
N PHE A 263 -16.78 11.44 10.64
CA PHE A 263 -15.48 11.48 11.29
C PHE A 263 -14.39 11.83 10.26
N LEU A 264 -14.47 11.22 9.07
CA LEU A 264 -13.48 11.43 8.03
C LEU A 264 -13.52 12.86 7.51
N HIS A 265 -14.73 13.41 7.32
CA HIS A 265 -14.89 14.80 6.90
C HIS A 265 -14.23 15.74 7.89
N ILE A 266 -14.46 15.52 9.19
CA ILE A 266 -13.97 16.39 10.24
C ILE A 266 -12.45 16.25 10.34
N LEU A 267 -11.94 15.03 10.19
CA LEU A 267 -10.51 14.76 10.17
C LEU A 267 -9.84 15.50 9.02
N ALA A 268 -10.55 15.63 7.90
CA ALA A 268 -10.05 16.30 6.70
C ALA A 268 -10.09 17.81 6.87
N GLY A 269 -10.91 18.32 7.81
CA GLY A 269 -10.89 19.72 8.17
C GLY A 269 -12.29 20.35 8.33
N ALA A 270 -13.36 19.55 8.15
CA ALA A 270 -14.72 20.08 8.14
C ALA A 270 -15.13 20.56 9.53
N SER A 271 -15.74 21.75 9.58
CA SER A 271 -16.35 22.31 10.78
C SER A 271 -17.76 21.76 10.96
N MET A 272 -18.56 21.87 9.90
CA MET A 272 -19.90 21.29 9.85
C MET A 272 -19.91 20.20 8.77
N VAL A 273 -20.86 19.27 8.91
CA VAL A 273 -21.01 18.15 7.98
C VAL A 273 -22.45 18.14 7.49
N GLN A 274 -22.64 18.16 6.16
CA GLN A 274 -23.95 18.20 5.55
C GLN A 274 -24.30 16.81 5.01
N VAL A 275 -25.59 16.48 5.04
CA VAL A 275 -26.07 15.16 4.67
C VAL A 275 -27.17 15.32 3.62
N GLY A 276 -26.95 14.73 2.44
CA GLY A 276 -27.85 14.88 1.30
C GLY A 276 -28.61 13.58 1.03
N THR A 277 -28.03 12.73 0.17
CA THR A 277 -28.69 11.53 -0.32
C THR A 277 -29.17 10.67 0.85
N ALA A 278 -28.33 10.49 1.87
CA ALA A 278 -28.64 9.63 3.00
C ALA A 278 -29.89 10.13 3.73
N LEU A 279 -30.02 11.45 3.83
CA LEU A 279 -31.17 12.09 4.48
C LEU A 279 -32.42 11.89 3.62
N HIS A 280 -32.26 11.95 2.30
CA HIS A 280 -33.35 11.73 1.36
C HIS A 280 -33.87 10.29 1.50
N ASP A 281 -32.94 9.36 1.75
CA ASP A 281 -33.26 7.94 1.87
C ASP A 281 -33.93 7.64 3.21
N GLU A 282 -33.42 8.25 4.28
CA GLU A 282 -33.68 7.78 5.64
C GLU A 282 -34.69 8.68 6.36
N GLY A 283 -34.75 9.96 5.98
CA GLY A 283 -35.57 10.93 6.70
C GLY A 283 -34.80 11.53 7.87
N PRO A 284 -35.36 12.53 8.58
CA PRO A 284 -34.64 13.30 9.59
C PRO A 284 -34.22 12.53 10.84
N ILE A 285 -34.68 11.28 11.00
CA ILE A 285 -34.27 10.44 12.12
C ILE A 285 -32.77 10.12 12.00
N ILE A 286 -32.21 10.27 10.79
CA ILE A 286 -30.80 9.98 10.54
C ILE A 286 -29.91 10.79 11.47
N PHE A 287 -30.33 12.01 11.83
CA PHE A 287 -29.49 12.91 12.62
C PHE A 287 -29.26 12.35 14.02
N ALA A 288 -30.29 11.69 14.58
CA ALA A 288 -30.15 11.02 15.87
C ALA A 288 -29.13 9.89 15.78
N ARG A 289 -29.16 9.13 14.67
CA ARG A 289 -28.26 8.02 14.44
C ARG A 289 -26.82 8.53 14.28
N LEU A 290 -26.65 9.62 13.51
CA LEU A 290 -25.33 10.14 13.20
C LEU A 290 -24.65 10.64 14.47
N ASN A 291 -25.41 11.33 15.34
CA ASN A 291 -24.90 11.81 16.62
C ASN A 291 -24.38 10.63 17.44
N LYS A 292 -25.18 9.57 17.53
CA LYS A 292 -24.84 8.40 18.33
C LYS A 292 -23.59 7.72 17.77
N GLU A 293 -23.53 7.58 16.44
CA GLU A 293 -22.44 6.85 15.80
C GLU A 293 -21.12 7.62 15.92
N LEU A 294 -21.18 8.96 15.79
CA LEU A 294 -19.98 9.77 15.90
C LEU A 294 -19.46 9.74 17.33
N GLN A 295 -20.37 9.80 18.30
CA GLN A 295 -20.01 9.74 19.71
C GLN A 295 -19.35 8.39 20.03
N GLU A 296 -19.83 7.32 19.39
CA GLU A 296 -19.30 5.98 19.59
C GLU A 296 -17.85 5.91 19.11
N ILE A 297 -17.58 6.47 17.93
CA ILE A 297 -16.22 6.48 17.37
C ILE A 297 -15.29 7.25 18.30
N MET A 298 -15.75 8.40 18.79
CA MET A 298 -14.94 9.26 19.64
C MET A 298 -14.65 8.57 20.97
N THR A 299 -15.66 7.91 21.56
CA THR A 299 -15.50 7.15 22.78
C THR A 299 -14.40 6.10 22.61
N ASN A 300 -14.44 5.39 21.47
CA ASN A 300 -13.54 4.29 21.20
C ASN A 300 -12.10 4.80 21.03
N LYS A 301 -11.94 6.04 20.56
CA LYS A 301 -10.63 6.62 20.32
C LYS A 301 -10.17 7.48 21.48
N GLY A 302 -11.07 7.76 22.44
CA GLY A 302 -10.74 8.52 23.63
C GLY A 302 -10.70 10.03 23.37
N TYR A 303 -11.57 10.49 22.46
CA TYR A 303 -11.73 11.91 22.17
C TYR A 303 -12.97 12.43 22.90
N LYS A 304 -12.86 13.65 23.47
CA LYS A 304 -13.93 14.26 24.23
C LYS A 304 -14.64 15.36 23.42
N THR A 305 -13.90 16.01 22.52
CA THR A 305 -14.46 17.06 21.66
C THR A 305 -14.02 16.82 20.22
N LEU A 306 -14.67 17.53 19.29
CA LEU A 306 -14.33 17.47 17.87
C LEU A 306 -12.98 18.15 17.62
N ASP A 307 -12.63 19.11 18.48
CA ASP A 307 -11.43 19.92 18.33
C ASP A 307 -10.18 19.05 18.45
N GLU A 308 -10.30 17.89 19.10
CA GLU A 308 -9.18 16.99 19.31
C GLU A 308 -8.69 16.36 18.01
N PHE A 309 -9.52 16.34 16.96
CA PHE A 309 -9.13 15.66 15.73
C PHE A 309 -9.51 16.42 14.46
N ARG A 310 -10.27 17.54 14.56
CA ARG A 310 -10.62 18.29 13.37
C ARG A 310 -9.35 18.73 12.65
N GLY A 311 -9.21 18.33 11.38
CA GLY A 311 -8.12 18.78 10.53
C GLY A 311 -6.80 18.10 10.85
N ARG A 312 -6.83 16.97 11.57
CA ARG A 312 -5.62 16.31 12.02
C ARG A 312 -5.38 15.01 11.25
N VAL A 313 -5.91 14.92 10.02
CA VAL A 313 -5.59 13.83 9.11
C VAL A 313 -4.08 13.77 8.93
N LYS A 314 -3.51 12.57 8.98
CA LYS A 314 -2.07 12.38 8.89
C LYS A 314 -1.70 12.01 7.45
N THR A 315 -0.56 12.54 6.98
CA THR A 315 0.01 12.16 5.69
C THR A 315 1.32 11.42 5.95
N MET A 316 1.86 10.80 4.88
CA MET A 316 3.05 9.97 4.97
C MET A 316 4.25 10.72 4.39
N MET B 5 -23.97 -14.61 -31.49
CA MET B 5 -23.91 -13.19 -31.94
C MET B 5 -22.44 -12.79 -32.13
N SER B 6 -22.20 -11.70 -32.86
CA SER B 6 -20.85 -11.25 -33.18
C SER B 6 -20.44 -10.10 -32.27
N LEU B 7 -19.23 -10.20 -31.70
CA LEU B 7 -18.66 -9.16 -30.86
C LEU B 7 -17.67 -8.32 -31.67
N LYS B 8 -17.52 -8.61 -32.97
CA LYS B 8 -16.45 -8.03 -33.76
C LYS B 8 -16.63 -6.52 -33.90
N VAL B 9 -15.49 -5.81 -33.93
CA VAL B 9 -15.45 -4.38 -34.18
C VAL B 9 -14.50 -4.15 -35.35
N ASN B 10 -14.97 -3.38 -36.33
CA ASN B 10 -14.22 -3.07 -37.54
C ASN B 10 -13.99 -1.57 -37.62
N ILE B 11 -12.79 -1.13 -37.20
CA ILE B 11 -12.45 0.29 -37.17
C ILE B 11 -10.99 0.47 -37.56
N LEU B 12 -10.71 1.59 -38.26
CA LEU B 12 -9.37 1.99 -38.63
C LEU B 12 -8.68 0.94 -39.50
N GLY B 13 -9.49 0.16 -40.25
CA GLY B 13 -8.96 -0.83 -41.17
C GLY B 13 -8.73 -2.20 -40.51
N HIS B 14 -8.82 -2.26 -39.18
CA HIS B 14 -8.51 -3.46 -38.42
C HIS B 14 -9.78 -4.23 -38.08
N GLU B 15 -9.64 -5.54 -37.92
CA GLU B 15 -10.68 -6.41 -37.37
C GLU B 15 -10.32 -6.73 -35.93
N PHE B 16 -11.20 -6.32 -34.99
CA PHE B 16 -11.05 -6.68 -33.58
C PHE B 16 -12.05 -7.79 -33.27
N SER B 17 -11.58 -8.84 -32.59
CA SER B 17 -12.39 -10.00 -32.27
C SER B 17 -13.54 -9.63 -31.33
N ASN B 18 -13.28 -8.66 -30.45
CA ASN B 18 -14.24 -8.20 -29.46
C ASN B 18 -13.84 -6.78 -29.05
N PRO B 19 -14.70 -6.00 -28.37
CA PRO B 19 -14.40 -4.61 -28.06
C PRO B 19 -13.50 -4.37 -26.84
N PHE B 20 -13.05 -5.43 -26.17
CA PHE B 20 -12.39 -5.28 -24.88
C PHE B 20 -10.88 -5.15 -25.05
N MET B 21 -10.31 -4.27 -24.21
CA MET B 21 -8.87 -4.12 -24.06
C MET B 21 -8.58 -3.67 -22.63
N ASN B 22 -7.30 -3.67 -22.25
CA ASN B 22 -6.88 -3.10 -20.98
C ASN B 22 -6.98 -1.58 -21.07
N ALA B 23 -7.24 -0.95 -19.93
CA ALA B 23 -7.05 0.50 -19.80
C ALA B 23 -5.54 0.76 -19.70
N ALA B 24 -5.09 1.86 -20.32
CA ALA B 24 -3.68 2.22 -20.24
C ALA B 24 -3.24 2.23 -18.79
N GLY B 25 -2.05 1.67 -18.52
CA GLY B 25 -1.48 1.67 -17.18
C GLY B 25 -1.65 0.34 -16.45
N VAL B 26 -2.65 -0.45 -16.83
CA VAL B 26 -2.93 -1.71 -16.14
C VAL B 26 -2.45 -2.87 -17.02
N LEU B 27 -1.56 -3.70 -16.46
CA LEU B 27 -1.03 -4.89 -17.09
C LEU B 27 -0.45 -4.55 -18.46
N CYS B 28 0.48 -3.58 -18.51
CA CYS B 28 1.03 -3.15 -19.79
C CYS B 28 2.34 -2.36 -19.66
N THR B 29 3.06 -2.51 -18.56
CA THR B 29 4.29 -1.74 -18.35
C THR B 29 5.50 -2.53 -18.84
N THR B 30 5.52 -3.85 -18.59
CA THR B 30 6.67 -4.69 -18.87
C THR B 30 6.35 -5.61 -20.06
N GLU B 31 7.39 -6.29 -20.55
CA GLU B 31 7.25 -7.24 -21.64
C GLU B 31 6.35 -8.40 -21.23
N GLU B 32 6.50 -8.88 -19.98
CA GLU B 32 5.69 -9.98 -19.48
C GLU B 32 4.23 -9.55 -19.40
N ASP B 33 3.98 -8.33 -18.90
CA ASP B 33 2.63 -7.78 -18.83
C ASP B 33 1.97 -7.86 -20.19
N LEU B 34 2.67 -7.34 -21.21
CA LEU B 34 2.15 -7.23 -22.56
C LEU B 34 1.94 -8.61 -23.18
N ARG B 35 2.81 -9.56 -22.81
CA ARG B 35 2.66 -10.95 -23.24
C ARG B 35 1.33 -11.50 -22.73
N ARG B 36 1.05 -11.27 -21.44
CA ARG B 36 -0.14 -11.80 -20.81
C ARG B 36 -1.40 -11.18 -21.42
N MET B 37 -1.34 -9.90 -21.78
CA MET B 37 -2.45 -9.23 -22.43
C MET B 37 -2.66 -9.80 -23.84
N THR B 38 -1.57 -10.12 -24.53
CA THR B 38 -1.65 -10.67 -25.88
C THR B 38 -2.21 -12.09 -25.84
N GLU B 39 -1.89 -12.85 -24.79
CA GLU B 39 -2.36 -14.23 -24.64
C GLU B 39 -3.83 -14.24 -24.23
N SER B 40 -4.30 -13.16 -23.60
CA SER B 40 -5.67 -13.08 -23.08
C SER B 40 -6.68 -13.09 -24.22
N GLU B 41 -7.97 -13.11 -23.86
CA GLU B 41 -9.06 -13.13 -24.81
C GLU B 41 -9.46 -11.72 -25.23
N SER B 42 -8.68 -10.70 -24.83
CA SER B 42 -9.00 -9.32 -25.15
C SER B 42 -8.93 -9.09 -26.66
N GLY B 43 -9.74 -8.14 -27.13
CA GLY B 43 -9.76 -7.77 -28.54
C GLY B 43 -8.53 -6.97 -28.94
N SER B 44 -7.93 -6.25 -27.97
CA SER B 44 -6.73 -5.47 -28.22
C SER B 44 -5.99 -5.23 -26.90
N LEU B 45 -4.92 -4.44 -26.97
CA LEU B 45 -4.17 -4.04 -25.78
C LEU B 45 -3.53 -2.68 -26.04
N ILE B 46 -3.18 -1.98 -24.96
CA ILE B 46 -2.49 -0.70 -25.03
C ILE B 46 -1.32 -0.71 -24.06
N GLY B 47 -0.20 -0.14 -24.50
CA GLY B 47 0.99 -0.01 -23.67
C GLY B 47 0.81 1.06 -22.60
N LYS B 48 1.63 0.97 -21.54
CA LYS B 48 1.67 1.97 -20.49
C LYS B 48 1.96 3.34 -21.12
N SER B 49 1.30 4.38 -20.60
CA SER B 49 1.59 5.75 -20.98
C SER B 49 3.08 6.02 -20.72
N CYS B 50 3.83 6.27 -21.79
CA CYS B 50 5.28 6.34 -21.70
C CYS B 50 5.76 7.78 -21.80
N THR B 51 7.02 7.99 -21.42
CA THR B 51 7.71 9.26 -21.53
C THR B 51 8.99 9.04 -22.33
N LEU B 52 9.64 10.14 -22.73
CA LEU B 52 10.80 10.08 -23.60
C LEU B 52 11.91 9.27 -22.93
N ALA B 53 12.13 9.54 -21.64
CA ALA B 53 13.08 8.78 -20.83
C ALA B 53 12.32 7.90 -19.85
N PRO B 54 12.91 6.79 -19.35
CA PRO B 54 12.26 5.98 -18.33
C PRO B 54 11.94 6.75 -17.05
N ARG B 55 10.92 6.28 -16.33
CA ARG B 55 10.53 6.84 -15.03
C ARG B 55 10.25 5.68 -14.07
N THR B 56 10.63 5.85 -12.80
CA THR B 56 10.32 4.89 -11.76
C THR B 56 9.02 5.28 -11.04
N GLY B 57 8.60 6.54 -11.21
CA GLY B 57 7.31 7.00 -10.72
C GLY B 57 7.38 7.49 -9.28
N ASN B 58 6.21 7.53 -8.63
CA ASN B 58 6.03 8.13 -7.32
C ASN B 58 6.45 7.15 -6.23
N PRO B 59 6.78 7.64 -5.00
CA PRO B 59 7.13 6.76 -3.89
C PRO B 59 5.95 6.00 -3.31
N GLU B 60 6.25 4.92 -2.58
CA GLU B 60 5.25 4.02 -2.03
C GLU B 60 4.73 4.43 -0.65
N PRO B 61 3.51 4.03 -0.24
CA PRO B 61 2.55 3.33 -1.11
C PRO B 61 1.83 4.27 -2.07
N ARG B 62 1.57 3.80 -3.30
CA ARG B 62 1.00 4.63 -4.34
C ARG B 62 -0.19 3.96 -5.02
N TYR B 63 -0.64 2.81 -4.50
CA TYR B 63 -1.85 2.16 -4.98
C TYR B 63 -2.60 1.58 -3.78
N PHE B 64 -3.93 1.69 -3.82
CA PHE B 64 -4.76 1.10 -2.78
C PHE B 64 -6.09 0.67 -3.38
N GLY B 65 -6.35 -0.64 -3.36
CA GLY B 65 -7.65 -1.18 -3.74
C GLY B 65 -8.71 -0.84 -2.71
N LEU B 66 -9.91 -0.49 -3.19
CA LEU B 66 -11.02 -0.08 -2.36
C LEU B 66 -12.19 -1.01 -2.60
N PRO B 67 -13.15 -1.12 -1.65
CA PRO B 67 -14.41 -1.83 -1.90
C PRO B 67 -15.10 -1.44 -3.21
N LEU B 68 -15.05 -0.14 -3.57
CA LEU B 68 -15.79 0.37 -4.70
C LEU B 68 -14.87 0.74 -5.87
N GLY B 69 -13.59 0.38 -5.80
CA GLY B 69 -12.68 0.64 -6.90
C GLY B 69 -11.22 0.72 -6.45
N SER B 70 -10.57 1.84 -6.79
CA SER B 70 -9.15 2.01 -6.54
C SER B 70 -8.79 3.49 -6.45
N ILE B 71 -7.73 3.78 -5.70
CA ILE B 71 -7.05 5.07 -5.74
C ILE B 71 -5.57 4.80 -6.03
N ASN B 72 -4.98 5.59 -6.93
CA ASN B 72 -3.57 5.43 -7.26
C ASN B 72 -2.94 6.80 -7.50
N SER B 73 -1.62 6.86 -7.27
CA SER B 73 -0.78 7.95 -7.74
C SER B 73 0.53 7.35 -8.25
N MET B 74 0.45 6.57 -9.32
CA MET B 74 1.57 5.78 -9.81
C MET B 74 2.72 6.71 -10.23
N GLY B 75 2.39 7.77 -10.97
CA GLY B 75 3.37 8.77 -11.39
C GLY B 75 4.04 8.41 -12.71
N LEU B 76 3.31 7.70 -13.57
CA LEU B 76 3.77 7.28 -14.90
C LEU B 76 5.09 6.53 -14.81
N PRO B 77 5.19 5.43 -14.03
CA PRO B 77 6.34 4.55 -14.12
C PRO B 77 6.34 3.79 -15.46
N ASN B 78 7.41 3.95 -16.25
CA ASN B 78 7.46 3.35 -17.57
C ASN B 78 8.91 3.15 -17.99
N LEU B 79 9.12 2.26 -18.97
CA LEU B 79 10.45 1.85 -19.40
C LEU B 79 10.99 2.78 -20.48
N GLY B 80 10.26 3.86 -20.79
CA GLY B 80 10.70 4.83 -21.79
C GLY B 80 10.19 4.45 -23.18
N VAL B 81 10.04 5.46 -24.05
CA VAL B 81 9.38 5.29 -25.34
C VAL B 81 10.10 4.23 -26.18
N ASP B 82 11.44 4.17 -26.08
CA ASP B 82 12.25 3.28 -26.89
C ASP B 82 11.86 1.82 -26.62
N PHE B 83 11.53 1.50 -25.36
CA PHE B 83 11.14 0.15 -24.99
C PHE B 83 9.86 -0.24 -25.72
N TYR B 84 8.85 0.65 -25.69
CA TYR B 84 7.53 0.33 -26.21
C TYR B 84 7.55 0.35 -27.74
N LEU B 85 8.39 1.20 -28.33
CA LEU B 85 8.55 1.23 -29.78
C LEU B 85 9.20 -0.08 -30.24
N SER B 86 10.18 -0.56 -29.47
CA SER B 86 10.86 -1.81 -29.76
C SER B 86 9.89 -2.99 -29.65
N TYR B 87 9.04 -2.95 -28.61
CA TYR B 87 8.00 -3.95 -28.45
C TYR B 87 7.06 -3.94 -29.65
N ALA B 88 6.66 -2.73 -30.08
CA ALA B 88 5.72 -2.57 -31.18
C ALA B 88 6.32 -3.04 -32.49
N ALA B 89 7.64 -2.86 -32.64
CA ALA B 89 8.33 -3.11 -33.90
C ALA B 89 8.78 -4.57 -34.01
N GLN B 90 9.18 -5.19 -32.89
CA GLN B 90 9.90 -6.45 -32.92
C GLN B 90 9.12 -7.57 -32.23
N THR B 91 8.51 -7.29 -31.08
CA THR B 91 8.06 -8.35 -30.17
C THR B 91 6.58 -8.70 -30.40
N HIS B 92 5.72 -7.69 -30.56
CA HIS B 92 4.28 -7.93 -30.52
C HIS B 92 3.84 -8.81 -31.69
N ASP B 93 2.93 -9.75 -31.39
CA ASP B 93 2.32 -10.61 -32.39
C ASP B 93 1.03 -9.97 -32.88
N TYR B 94 1.08 -9.38 -34.08
CA TYR B 94 -0.05 -8.64 -34.66
C TYR B 94 -1.09 -9.62 -35.22
N SER B 95 -0.72 -10.89 -35.39
CA SER B 95 -1.67 -11.91 -35.83
C SER B 95 -2.65 -12.23 -34.71
N ARG B 96 -2.24 -11.99 -33.45
CA ARG B 96 -3.10 -12.19 -32.30
C ARG B 96 -4.13 -11.07 -32.21
N LYS B 97 -3.66 -9.81 -32.19
CA LYS B 97 -4.54 -8.67 -32.07
C LYS B 97 -3.77 -7.37 -32.37
N PRO B 98 -4.47 -6.27 -32.74
CA PRO B 98 -3.83 -4.97 -32.91
C PRO B 98 -3.28 -4.39 -31.61
N LEU B 99 -2.30 -3.48 -31.73
CA LEU B 99 -1.66 -2.86 -30.59
C LEU B 99 -1.85 -1.35 -30.63
N PHE B 100 -2.17 -0.77 -29.46
CA PHE B 100 -2.14 0.66 -29.23
C PHE B 100 -0.94 0.97 -28.34
N LEU B 101 -0.35 2.17 -28.53
CA LEU B 101 0.61 2.72 -27.58
C LEU B 101 0.07 4.02 -27.03
N SER B 102 0.14 4.19 -25.71
CA SER B 102 -0.19 5.44 -25.05
C SER B 102 1.09 6.24 -24.84
N MET B 103 1.06 7.53 -25.22
CA MET B 103 2.20 8.41 -25.05
C MET B 103 1.77 9.64 -24.23
N SER B 104 2.57 9.94 -23.20
CA SER B 104 2.22 10.95 -22.22
C SER B 104 3.45 11.77 -21.85
N GLY B 105 4.04 12.43 -22.85
CA GLY B 105 5.10 13.40 -22.60
C GLY B 105 4.62 14.48 -21.63
N LEU B 106 5.54 14.98 -20.80
CA LEU B 106 5.20 15.94 -19.75
C LEU B 106 5.23 17.37 -20.29
N SER B 107 5.53 17.50 -21.59
CA SER B 107 5.44 18.76 -22.31
C SER B 107 5.11 18.47 -23.77
N VAL B 108 4.67 19.49 -24.51
CA VAL B 108 4.33 19.30 -25.91
C VAL B 108 5.59 18.91 -26.68
N GLU B 109 6.73 19.50 -26.30
CA GLU B 109 8.02 19.23 -26.92
C GLU B 109 8.35 17.74 -26.81
N GLU B 110 8.20 17.19 -25.60
CA GLU B 110 8.47 15.79 -25.33
C GLU B 110 7.53 14.92 -26.15
N SER B 111 6.24 15.28 -26.16
CA SER B 111 5.23 14.51 -26.88
C SER B 111 5.55 14.46 -28.38
N VAL B 112 5.98 15.60 -28.93
CA VAL B 112 6.31 15.70 -30.35
C VAL B 112 7.50 14.79 -30.67
N GLU B 113 8.53 14.83 -29.83
CA GLU B 113 9.73 14.02 -30.02
C GLU B 113 9.37 12.53 -30.03
N MET B 114 8.40 12.15 -29.20
CA MET B 114 8.01 10.76 -29.05
C MET B 114 7.23 10.26 -30.26
N VAL B 115 6.25 11.06 -30.74
CA VAL B 115 5.34 10.62 -31.79
C VAL B 115 6.08 10.53 -33.12
N LYS B 116 7.13 11.34 -33.30
CA LYS B 116 7.93 11.31 -34.51
C LYS B 116 8.57 9.93 -34.67
N LYS B 117 8.97 9.31 -33.56
CA LYS B 117 9.61 8.00 -33.58
C LYS B 117 8.61 6.91 -33.94
N LEU B 118 7.32 7.12 -33.64
CA LEU B 118 6.30 6.11 -33.85
C LEU B 118 5.92 6.01 -35.33
N VAL B 119 6.10 7.11 -36.08
CA VAL B 119 5.60 7.24 -37.45
C VAL B 119 5.99 6.01 -38.28
N PRO B 120 7.29 5.68 -38.45
CA PRO B 120 7.69 4.55 -39.29
C PRO B 120 7.13 3.20 -38.84
N ILE B 121 6.90 3.05 -37.54
CA ILE B 121 6.42 1.80 -36.97
C ILE B 121 4.92 1.67 -37.23
N THR B 122 4.18 2.79 -37.14
CA THR B 122 2.77 2.80 -37.53
C THR B 122 2.63 2.40 -38.99
N LYS B 123 3.47 3.00 -39.86
CA LYS B 123 3.41 2.74 -41.29
C LYS B 123 3.71 1.28 -41.58
N GLU B 124 4.65 0.68 -40.84
CA GLU B 124 5.12 -0.67 -41.10
C GLU B 124 4.20 -1.70 -40.45
N LYS B 125 3.80 -1.47 -39.19
CA LYS B 125 3.15 -2.49 -38.38
C LYS B 125 1.68 -2.18 -38.11
N GLY B 126 1.29 -0.90 -38.21
CA GLY B 126 -0.09 -0.50 -37.98
C GLY B 126 -0.38 -0.21 -36.50
N THR B 127 0.67 0.06 -35.72
CA THR B 127 0.54 0.43 -34.33
C THR B 127 -0.26 1.73 -34.23
N ILE B 128 -1.18 1.80 -33.26
CA ILE B 128 -2.09 2.93 -33.12
C ILE B 128 -1.69 3.77 -31.92
N LEU B 129 -1.74 5.11 -32.09
CA LEU B 129 -1.37 6.06 -31.05
C LEU B 129 -2.59 6.52 -30.27
N GLU B 130 -2.51 6.45 -28.93
CA GLU B 130 -3.41 7.15 -28.04
C GLU B 130 -2.60 8.22 -27.28
N LEU B 131 -2.86 9.50 -27.57
CA LEU B 131 -2.19 10.60 -26.91
C LEU B 131 -2.88 10.90 -25.58
N ASN B 132 -2.12 10.85 -24.48
CA ASN B 132 -2.67 11.02 -23.14
C ASN B 132 -2.69 12.50 -22.78
N LEU B 133 -3.90 13.05 -22.55
CA LEU B 133 -4.08 14.43 -22.16
C LEU B 133 -4.65 14.56 -20.75
N SER B 134 -4.44 13.56 -19.88
N SER B 134 -4.50 13.49 -19.94
CA SER B 134 -5.20 13.50 -18.63
CA SER B 134 -4.94 13.48 -18.55
C SER B 134 -4.42 12.90 -17.46
C SER B 134 -3.72 13.43 -17.64
N ALA B 135 -3.09 12.82 -17.55
N ALA B 135 -3.35 12.22 -17.19
CA ALA B 135 -2.28 12.24 -16.48
CA ALA B 135 -2.18 12.03 -16.37
C ALA B 135 -2.40 13.06 -15.19
C ALA B 135 -2.27 12.94 -15.13
N PRO B 136 -3.13 12.57 -14.15
CA PRO B 136 -3.36 13.40 -12.97
C PRO B 136 -2.45 13.19 -11.76
N ASN B 137 -1.39 12.37 -11.90
CA ASN B 137 -0.62 11.94 -10.73
C ASN B 137 0.85 12.34 -10.84
N VAL B 138 1.16 13.37 -11.62
CA VAL B 138 2.52 13.89 -11.73
C VAL B 138 2.56 15.24 -11.01
N PRO B 139 3.27 15.37 -9.87
CA PRO B 139 3.36 16.65 -9.17
C PRO B 139 3.85 17.79 -10.06
N GLY B 140 3.06 18.87 -10.12
CA GLY B 140 3.45 20.08 -10.82
C GLY B 140 3.01 20.11 -12.29
N LYS B 141 2.37 19.03 -12.75
CA LYS B 141 1.90 18.92 -14.13
C LYS B 141 0.38 18.83 -14.14
N PRO B 142 -0.35 19.93 -14.44
CA PRO B 142 -1.80 19.87 -14.56
C PRO B 142 -2.26 19.00 -15.72
N GLN B 143 -3.51 18.53 -15.66
CA GLN B 143 -4.10 17.74 -16.72
C GLN B 143 -4.35 18.65 -17.92
N VAL B 144 -3.71 18.31 -19.05
CA VAL B 144 -3.74 19.14 -20.25
C VAL B 144 -5.18 19.33 -20.73
N GLY B 145 -5.98 18.26 -20.64
CA GLY B 145 -7.36 18.27 -21.12
C GLY B 145 -8.26 19.31 -20.45
N TYR B 146 -7.84 19.86 -19.31
CA TYR B 146 -8.64 20.85 -18.59
C TYR B 146 -8.24 22.27 -18.98
N ASP B 147 -7.24 22.42 -19.85
CA ASP B 147 -6.91 23.71 -20.43
C ASP B 147 -7.05 23.60 -21.95
N PHE B 148 -8.09 24.26 -22.49
CA PHE B 148 -8.49 24.06 -23.88
C PHE B 148 -7.51 24.78 -24.82
N ASP B 149 -6.85 25.83 -24.32
CA ASP B 149 -5.80 26.50 -25.08
C ASP B 149 -4.60 25.57 -25.22
N THR B 150 -4.16 24.96 -24.11
CA THR B 150 -3.04 24.04 -24.13
C THR B 150 -3.40 22.79 -24.94
N THR B 151 -4.63 22.30 -24.80
CA THR B 151 -5.07 21.13 -25.55
C THR B 151 -4.93 21.40 -27.05
N ARG B 152 -5.36 22.59 -27.49
CA ARG B 152 -5.32 22.96 -28.89
C ARG B 152 -3.87 22.92 -29.39
N THR B 153 -2.93 23.43 -28.58
CA THR B 153 -1.51 23.44 -28.94
C THR B 153 -1.01 22.01 -29.14
N TYR B 154 -1.29 21.12 -28.19
CA TYR B 154 -0.85 19.73 -28.25
C TYR B 154 -1.35 19.07 -29.53
N LEU B 155 -2.65 19.22 -29.82
CA LEU B 155 -3.26 18.56 -30.96
C LEU B 155 -2.67 19.10 -32.25
N GLN B 156 -2.37 20.41 -32.26
CA GLN B 156 -1.80 21.07 -33.42
C GLN B 156 -0.42 20.49 -33.71
N LYS B 157 0.44 20.45 -32.69
CA LYS B 157 1.83 20.05 -32.85
C LYS B 157 1.95 18.56 -33.10
N VAL B 158 1.10 17.75 -32.45
CA VAL B 158 1.14 16.30 -32.60
C VAL B 158 0.57 15.92 -33.97
N SER B 159 -0.51 16.60 -34.40
CA SER B 159 -1.10 16.35 -35.71
C SER B 159 -0.07 16.60 -36.80
N GLU B 160 0.71 17.69 -36.65
CA GLU B 160 1.74 18.07 -37.60
C GLU B 160 2.87 17.04 -37.59
N ALA B 161 3.33 16.67 -36.38
CA ALA B 161 4.51 15.83 -36.23
C ALA B 161 4.22 14.38 -36.61
N TYR B 162 3.04 13.86 -36.23
CA TYR B 162 2.69 12.46 -36.43
C TYR B 162 2.12 12.28 -37.84
N GLY B 163 1.11 13.08 -38.18
CA GLY B 163 0.58 13.15 -39.54
C GLY B 163 -0.22 11.91 -39.94
N LEU B 164 -0.62 11.11 -38.95
CA LEU B 164 -1.39 9.90 -39.18
C LEU B 164 -2.59 9.90 -38.22
N PRO B 165 -3.63 9.07 -38.45
CA PRO B 165 -4.74 8.99 -37.50
C PRO B 165 -4.30 8.57 -36.11
N PHE B 166 -4.84 9.23 -35.09
CA PHE B 166 -4.53 8.91 -33.70
C PHE B 166 -5.74 9.23 -32.83
N GLY B 167 -5.66 8.83 -31.55
CA GLY B 167 -6.71 9.09 -30.59
C GLY B 167 -6.18 9.84 -29.38
N VAL B 168 -7.10 10.23 -28.48
CA VAL B 168 -6.77 11.02 -27.31
C VAL B 168 -7.46 10.41 -26.09
N LYS B 169 -6.72 10.32 -24.98
CA LYS B 169 -7.27 9.94 -23.69
C LYS B 169 -7.64 11.21 -22.92
N MET B 170 -8.94 11.39 -22.65
CA MET B 170 -9.43 12.64 -22.08
C MET B 170 -9.66 12.48 -20.58
N PRO B 171 -9.50 13.57 -19.81
CA PRO B 171 -9.96 13.60 -18.42
C PRO B 171 -11.49 13.71 -18.39
N PRO B 172 -12.18 13.28 -17.31
CA PRO B 172 -13.62 13.42 -17.24
C PRO B 172 -14.07 14.87 -17.10
N TYR B 173 -15.15 15.24 -17.81
CA TYR B 173 -15.74 16.56 -17.68
C TYR B 173 -17.06 16.43 -16.92
N PHE B 174 -17.45 17.53 -16.25
CA PHE B 174 -18.59 17.52 -15.34
C PHE B 174 -19.52 18.71 -15.58
N ASP B 175 -19.36 19.39 -16.71
CA ASP B 175 -20.20 20.53 -17.05
C ASP B 175 -20.47 20.50 -18.55
N ILE B 176 -21.71 20.85 -18.93
CA ILE B 176 -22.12 20.79 -20.32
C ILE B 176 -21.27 21.76 -21.15
N ALA B 177 -20.92 22.91 -20.56
CA ALA B 177 -20.10 23.90 -21.24
C ALA B 177 -18.73 23.31 -21.59
N HIS B 178 -18.22 22.42 -20.74
CA HIS B 178 -16.92 21.81 -20.96
C HIS B 178 -16.98 20.77 -22.08
N PHE B 179 -18.09 20.02 -22.16
CA PHE B 179 -18.31 19.10 -23.27
C PHE B 179 -18.27 19.88 -24.59
N ASP B 180 -18.94 21.04 -24.60
CA ASP B 180 -19.02 21.88 -25.79
C ASP B 180 -17.64 22.40 -26.17
N MET B 181 -16.88 22.88 -25.18
CA MET B 181 -15.57 23.48 -25.42
C MET B 181 -14.57 22.42 -25.87
N ALA B 182 -14.58 21.25 -25.21
CA ALA B 182 -13.68 20.16 -25.56
C ALA B 182 -13.94 19.69 -26.98
N ALA B 183 -15.23 19.53 -27.33
CA ALA B 183 -15.64 19.06 -28.64
C ALA B 183 -15.24 20.05 -29.73
N ALA B 184 -15.34 21.36 -29.43
CA ALA B 184 -14.98 22.41 -30.38
C ALA B 184 -13.50 22.31 -30.75
N VAL B 185 -12.65 22.00 -29.76
CA VAL B 185 -11.23 21.84 -29.98
C VAL B 185 -11.00 20.57 -30.80
N LEU B 186 -11.56 19.45 -30.34
CA LEU B 186 -11.32 18.15 -30.95
C LEU B 186 -11.78 18.13 -32.41
N ASN B 187 -12.89 18.84 -32.71
CA ASN B 187 -13.48 18.80 -34.05
C ASN B 187 -12.66 19.62 -35.05
N ASP B 188 -11.64 20.36 -34.57
CA ASP B 188 -10.78 21.12 -35.46
C ASP B 188 -9.58 20.29 -35.93
N PHE B 189 -9.47 19.04 -35.45
CA PHE B 189 -8.33 18.19 -35.76
C PHE B 189 -8.82 16.89 -36.38
N PRO B 190 -8.87 16.80 -37.74
CA PRO B 190 -9.41 15.63 -38.41
C PRO B 190 -8.59 14.34 -38.22
N LEU B 191 -7.32 14.46 -37.82
CA LEU B 191 -6.48 13.29 -37.60
C LEU B 191 -6.84 12.61 -36.28
N VAL B 192 -7.54 13.31 -35.37
CA VAL B 192 -8.04 12.71 -34.16
C VAL B 192 -9.27 11.87 -34.52
N LYS B 193 -9.08 10.54 -34.59
CA LYS B 193 -10.10 9.64 -35.09
C LYS B 193 -10.85 8.96 -33.93
N PHE B 194 -10.30 8.98 -32.71
CA PHE B 194 -11.02 8.44 -31.58
C PHE B 194 -10.71 9.24 -30.31
N ILE B 195 -11.67 9.18 -29.39
CA ILE B 195 -11.62 9.84 -28.09
C ILE B 195 -11.87 8.77 -27.03
N THR B 196 -10.95 8.63 -26.06
CA THR B 196 -11.15 7.70 -24.97
C THR B 196 -11.68 8.47 -23.76
N CYS B 197 -12.89 8.12 -23.34
CA CYS B 197 -13.55 8.67 -22.17
C CYS B 197 -13.79 7.53 -21.17
N VAL B 198 -13.20 7.56 -19.96
CA VAL B 198 -12.47 8.68 -19.39
C VAL B 198 -11.25 8.14 -18.65
N ASN B 199 -10.33 9.06 -18.30
CA ASN B 199 -9.28 8.76 -17.35
C ASN B 199 -9.88 8.79 -15.95
N SER B 200 -9.05 8.49 -14.94
CA SER B 200 -9.42 8.53 -13.54
C SER B 200 -10.15 9.83 -13.20
N ILE B 201 -11.09 9.76 -12.25
CA ILE B 201 -11.58 10.95 -11.59
C ILE B 201 -10.44 11.46 -10.69
N GLY B 202 -9.86 12.59 -11.08
CA GLY B 202 -8.59 13.05 -10.54
C GLY B 202 -8.70 13.54 -9.10
N ASN B 203 -7.64 13.27 -8.32
CA ASN B 203 -7.36 13.98 -7.09
C ASN B 203 -8.48 13.78 -6.07
N GLY B 204 -8.87 12.51 -5.86
CA GLY B 204 -9.68 12.12 -4.72
C GLY B 204 -8.79 11.81 -3.52
N LEU B 205 -9.42 11.64 -2.35
CA LEU B 205 -8.70 11.41 -1.10
C LEU B 205 -9.41 10.32 -0.30
N VAL B 206 -8.65 9.29 0.09
CA VAL B 206 -9.14 8.21 0.92
C VAL B 206 -8.37 8.25 2.24
N ILE B 207 -9.11 8.20 3.36
CA ILE B 207 -8.53 8.22 4.69
C ILE B 207 -8.95 6.97 5.44
N ASP B 208 -7.99 6.33 6.12
CA ASP B 208 -8.24 5.18 6.96
C ASP B 208 -8.70 5.68 8.33
N PRO B 209 -9.93 5.34 8.78
CA PRO B 209 -10.44 5.82 10.07
C PRO B 209 -9.72 5.22 11.27
N ALA B 210 -9.11 4.04 11.11
CA ALA B 210 -8.43 3.35 12.20
C ALA B 210 -7.20 4.11 12.65
N ASN B 211 -6.36 4.53 11.69
CA ASN B 211 -5.08 5.18 12.01
C ASN B 211 -5.11 6.66 11.64
N GLU B 212 -6.25 7.15 11.13
CA GLU B 212 -6.46 8.56 10.83
C GLU B 212 -5.42 9.05 9.81
N THR B 213 -5.03 8.15 8.89
CA THR B 213 -3.98 8.43 7.92
C THR B 213 -4.51 8.19 6.52
N VAL B 214 -4.02 8.98 5.55
CA VAL B 214 -4.29 8.77 4.13
C VAL B 214 -3.67 7.44 3.72
N VAL B 215 -4.15 6.86 2.61
CA VAL B 215 -3.79 5.49 2.26
C VAL B 215 -2.68 5.45 1.21
N ILE B 216 -2.39 6.59 0.55
CA ILE B 216 -1.27 6.65 -0.40
C ILE B 216 -0.38 7.85 -0.05
N LYS B 217 0.92 7.72 -0.37
CA LYS B 217 1.96 8.64 0.08
C LYS B 217 1.99 9.91 -0.77
N PRO B 218 2.03 9.81 -2.13
CA PRO B 218 2.22 11.00 -2.96
C PRO B 218 1.11 12.05 -2.80
N LYS B 219 1.49 13.33 -2.92
CA LYS B 219 0.56 14.44 -2.99
C LYS B 219 -0.42 14.44 -1.81
N GLN B 220 0.09 14.17 -0.61
CA GLN B 220 -0.69 14.26 0.62
C GLN B 220 -1.94 13.38 0.56
N GLY B 221 -1.86 12.28 -0.19
CA GLY B 221 -2.93 11.28 -0.22
C GLY B 221 -3.83 11.42 -1.45
N PHE B 222 -3.61 12.43 -2.28
CA PHE B 222 -4.48 12.72 -3.41
C PHE B 222 -4.09 11.82 -4.59
N GLY B 223 -5.08 11.13 -5.16
CA GLY B 223 -4.84 10.19 -6.25
C GLY B 223 -6.09 10.02 -7.13
N GLY B 224 -5.88 9.39 -8.29
CA GLY B 224 -6.95 9.15 -9.25
C GLY B 224 -7.85 8.00 -8.81
N LEU B 225 -9.16 8.18 -8.97
CA LEU B 225 -10.16 7.17 -8.63
C LEU B 225 -10.55 6.40 -9.87
N GLY B 226 -10.66 5.07 -9.72
CA GLY B 226 -11.19 4.20 -10.76
C GLY B 226 -12.20 3.22 -10.17
N GLY B 227 -12.90 2.49 -11.05
CA GLY B 227 -13.81 1.44 -10.62
C GLY B 227 -15.26 1.94 -10.57
N LYS B 228 -16.01 1.46 -9.57
CA LYS B 228 -17.45 1.68 -9.50
C LYS B 228 -17.76 3.17 -9.33
N TYR B 229 -16.79 3.93 -8.80
CA TYR B 229 -16.95 5.37 -8.59
C TYR B 229 -17.24 6.09 -9.89
N VAL B 230 -16.72 5.60 -11.03
CA VAL B 230 -16.57 6.42 -12.22
C VAL B 230 -17.59 6.07 -13.30
N LEU B 231 -18.44 5.05 -13.09
CA LEU B 231 -19.26 4.52 -14.18
C LEU B 231 -20.18 5.62 -14.73
N PRO B 232 -21.03 6.30 -13.92
CA PRO B 232 -21.92 7.31 -14.46
C PRO B 232 -21.21 8.47 -15.15
N THR B 233 -20.04 8.87 -14.62
CA THR B 233 -19.23 9.91 -15.25
C THR B 233 -18.74 9.42 -16.61
N ALA B 234 -18.28 8.16 -16.66
CA ALA B 234 -17.74 7.57 -17.88
C ALA B 234 -18.83 7.55 -18.96
N LEU B 235 -20.01 7.05 -18.62
CA LEU B 235 -21.11 6.90 -19.56
C LEU B 235 -21.53 8.27 -20.11
N ALA B 236 -21.55 9.28 -19.22
CA ALA B 236 -21.92 10.64 -19.60
C ALA B 236 -20.93 11.19 -20.62
N ASN B 237 -19.63 11.02 -20.36
CA ASN B 237 -18.59 11.53 -21.23
C ASN B 237 -18.63 10.82 -22.58
N VAL B 238 -18.81 9.48 -22.55
CA VAL B 238 -18.89 8.70 -23.78
C VAL B 238 -20.04 9.22 -24.64
N ASN B 239 -21.22 9.41 -24.03
CA ASN B 239 -22.42 9.79 -24.78
C ASN B 239 -22.28 11.23 -25.28
N ALA B 240 -21.72 12.12 -24.45
CA ALA B 240 -21.60 13.53 -24.78
C ALA B 240 -20.73 13.71 -26.03
N PHE B 241 -19.62 12.97 -26.11
CA PHE B 241 -18.69 13.09 -27.22
C PHE B 241 -19.19 12.29 -28.43
N PHE B 242 -19.90 11.19 -28.16
CA PHE B 242 -20.50 10.40 -29.24
C PHE B 242 -21.40 11.32 -30.07
N ARG B 243 -22.17 12.18 -29.39
CA ARG B 243 -23.15 13.04 -30.05
C ARG B 243 -22.47 14.27 -30.65
N ARG B 244 -21.42 14.79 -30.01
CA ARG B 244 -20.80 16.04 -30.39
C ARG B 244 -19.73 15.85 -31.47
N CYS B 245 -19.19 14.62 -31.57
CA CYS B 245 -18.09 14.34 -32.49
C CYS B 245 -18.48 13.21 -33.44
N PRO B 246 -19.45 13.43 -34.36
CA PRO B 246 -19.92 12.37 -35.26
C PRO B 246 -18.87 11.85 -36.25
N ASP B 247 -17.78 12.61 -36.45
CA ASP B 247 -16.74 12.23 -37.40
C ASP B 247 -15.65 11.41 -36.69
N LYS B 248 -15.87 11.05 -35.41
CA LYS B 248 -14.86 10.37 -34.62
C LYS B 248 -15.48 9.16 -33.92
N LEU B 249 -14.62 8.23 -33.51
CA LEU B 249 -15.00 7.13 -32.65
C LEU B 249 -14.88 7.57 -31.18
N VAL B 250 -15.64 6.90 -30.31
CA VAL B 250 -15.49 7.08 -28.87
C VAL B 250 -15.16 5.70 -28.27
N PHE B 251 -14.11 5.66 -27.46
CA PHE B 251 -13.78 4.48 -26.66
C PHE B 251 -14.23 4.74 -25.23
N GLY B 252 -14.85 3.72 -24.61
CA GLY B 252 -15.32 3.82 -23.25
C GLY B 252 -14.29 3.26 -22.26
N CYS B 253 -14.10 3.98 -21.14
CA CYS B 253 -13.23 3.55 -20.07
C CYS B 253 -13.78 4.06 -18.75
N GLY B 254 -13.98 3.15 -17.79
CA GLY B 254 -14.44 3.52 -16.46
C GLY B 254 -15.57 2.63 -15.97
N GLY B 255 -15.31 1.91 -14.87
CA GLY B 255 -16.36 1.25 -14.10
C GLY B 255 -16.83 -0.06 -14.73
N VAL B 256 -16.05 -0.64 -15.65
CA VAL B 256 -16.43 -1.89 -16.27
C VAL B 256 -15.96 -3.05 -15.40
N TYR B 257 -16.92 -3.82 -14.86
CA TYR B 257 -16.64 -5.04 -14.10
C TYR B 257 -17.32 -6.24 -14.73
N SER B 258 -18.23 -6.01 -15.68
CA SER B 258 -19.12 -7.05 -16.18
C SER B 258 -19.55 -6.73 -17.60
N GLY B 259 -20.18 -7.72 -18.25
CA GLY B 259 -20.74 -7.55 -19.58
C GLY B 259 -21.85 -6.48 -19.58
N GLU B 260 -22.53 -6.34 -18.44
CA GLU B 260 -23.61 -5.36 -18.30
C GLU B 260 -23.06 -3.95 -18.43
N GLU B 261 -21.95 -3.65 -17.73
CA GLU B 261 -21.34 -2.33 -17.82
C GLU B 261 -20.81 -2.08 -19.23
N ALA B 262 -20.24 -3.13 -19.85
CA ALA B 262 -19.76 -3.05 -21.22
C ALA B 262 -20.91 -2.68 -22.15
N PHE B 263 -22.05 -3.34 -21.96
CA PHE B 263 -23.24 -3.12 -22.76
C PHE B 263 -23.65 -1.65 -22.68
N LEU B 264 -23.63 -1.08 -21.47
CA LEU B 264 -24.05 0.30 -21.24
C LEU B 264 -23.11 1.27 -21.94
N HIS B 265 -21.80 1.00 -21.87
CA HIS B 265 -20.81 1.82 -22.56
C HIS B 265 -21.07 1.86 -24.06
N ILE B 266 -21.38 0.70 -24.65
CA ILE B 266 -21.58 0.58 -26.08
C ILE B 266 -22.90 1.25 -26.46
N LEU B 267 -23.92 1.05 -25.62
CA LEU B 267 -25.21 1.72 -25.78
C LEU B 267 -25.05 3.23 -25.75
N ALA B 268 -24.08 3.72 -24.94
CA ALA B 268 -23.80 5.15 -24.83
C ALA B 268 -23.03 5.65 -26.06
N GLY B 269 -22.29 4.76 -26.72
CA GLY B 269 -21.68 5.06 -28.02
C GLY B 269 -20.26 4.51 -28.19
N ALA B 270 -19.81 3.65 -27.27
CA ALA B 270 -18.43 3.17 -27.28
C ALA B 270 -18.20 2.16 -28.40
N SER B 271 -17.04 2.30 -29.07
CA SER B 271 -16.57 1.35 -30.07
C SER B 271 -15.72 0.27 -29.41
N MET B 272 -14.71 0.70 -28.64
CA MET B 272 -13.93 -0.19 -27.80
C MET B 272 -14.25 0.11 -26.33
N VAL B 273 -14.05 -0.89 -25.47
CA VAL B 273 -14.31 -0.77 -24.05
C VAL B 273 -13.05 -1.20 -23.30
N GLN B 274 -12.55 -0.30 -22.43
CA GLN B 274 -11.31 -0.54 -21.72
C GLN B 274 -11.63 -0.91 -20.26
N VAL B 275 -10.78 -1.77 -19.69
CA VAL B 275 -10.95 -2.29 -18.34
C VAL B 275 -9.70 -1.99 -17.53
N GLY B 276 -9.87 -1.24 -16.43
CA GLY B 276 -8.75 -0.85 -15.59
C GLY B 276 -8.77 -1.58 -14.24
N THR B 277 -9.46 -0.99 -13.27
CA THR B 277 -9.48 -1.46 -11.89
C THR B 277 -9.84 -2.94 -11.81
N ALA B 278 -10.90 -3.34 -12.55
CA ALA B 278 -11.40 -4.71 -12.49
C ALA B 278 -10.33 -5.70 -12.97
N LEU B 279 -9.54 -5.28 -13.97
CA LEU B 279 -8.47 -6.10 -14.52
C LEU B 279 -7.34 -6.23 -13.50
N HIS B 280 -7.05 -5.12 -12.79
CA HIS B 280 -6.03 -5.11 -11.75
C HIS B 280 -6.44 -6.06 -10.63
N ASP B 281 -7.74 -6.11 -10.33
CA ASP B 281 -8.30 -6.95 -9.29
C ASP B 281 -8.24 -8.42 -9.67
N GLU B 282 -8.62 -8.72 -10.91
CA GLU B 282 -9.01 -10.07 -11.30
C GLU B 282 -7.95 -10.77 -12.16
N GLY B 283 -7.14 -9.98 -12.89
CA GLY B 283 -6.18 -10.52 -13.83
C GLY B 283 -6.80 -10.72 -15.21
N PRO B 284 -5.99 -11.04 -16.25
CA PRO B 284 -6.47 -11.08 -17.63
C PRO B 284 -7.53 -12.15 -17.94
N ILE B 285 -7.85 -13.03 -16.99
CA ILE B 285 -8.93 -14.00 -17.17
C ILE B 285 -10.27 -13.27 -17.33
N ILE B 286 -10.34 -12.01 -16.86
CA ILE B 286 -11.55 -11.23 -16.91
C ILE B 286 -12.08 -11.12 -18.34
N PHE B 287 -11.17 -11.10 -19.33
CA PHE B 287 -11.57 -10.84 -20.71
C PHE B 287 -12.43 -11.98 -21.26
N ALA B 288 -12.14 -13.22 -20.83
CA ALA B 288 -12.96 -14.37 -21.20
C ALA B 288 -14.37 -14.22 -20.63
N ARG B 289 -14.44 -13.75 -19.37
CA ARG B 289 -15.71 -13.55 -18.67
C ARG B 289 -16.53 -12.46 -19.36
N LEU B 290 -15.87 -11.36 -19.73
CA LEU B 290 -16.55 -10.21 -20.33
C LEU B 290 -17.17 -10.58 -21.67
N ASN B 291 -16.42 -11.33 -22.49
CA ASN B 291 -16.92 -11.78 -23.79
C ASN B 291 -18.20 -12.59 -23.61
N LYS B 292 -18.16 -13.55 -22.68
CA LYS B 292 -19.27 -14.45 -22.42
C LYS B 292 -20.51 -13.67 -21.94
N GLU B 293 -20.30 -12.73 -21.01
CA GLU B 293 -21.40 -11.99 -20.40
C GLU B 293 -22.07 -11.06 -21.42
N LEU B 294 -21.26 -10.43 -22.29
CA LEU B 294 -21.80 -9.52 -23.30
C LEU B 294 -22.56 -10.31 -24.35
N GLN B 295 -22.03 -11.48 -24.75
CA GLN B 295 -22.69 -12.34 -25.72
C GLN B 295 -24.07 -12.76 -25.20
N GLU B 296 -24.16 -13.02 -23.89
CA GLU B 296 -25.38 -13.45 -23.24
C GLU B 296 -26.44 -12.36 -23.33
N ILE B 297 -26.05 -11.11 -23.05
CA ILE B 297 -26.96 -9.98 -23.06
C ILE B 297 -27.49 -9.76 -24.48
N MET B 298 -26.60 -9.84 -25.47
CA MET B 298 -26.95 -9.64 -26.86
C MET B 298 -27.90 -10.73 -27.34
N THR B 299 -27.65 -11.98 -26.91
CA THR B 299 -28.49 -13.11 -27.25
C THR B 299 -29.90 -12.89 -26.68
N ASN B 300 -29.97 -12.41 -25.43
CA ASN B 300 -31.23 -12.18 -24.75
C ASN B 300 -32.05 -11.10 -25.47
N LYS B 301 -31.37 -10.08 -26.01
CA LYS B 301 -32.02 -8.91 -26.57
C LYS B 301 -32.20 -9.05 -28.08
N GLY B 302 -31.58 -10.07 -28.69
CA GLY B 302 -31.74 -10.35 -30.11
C GLY B 302 -30.90 -9.43 -30.98
N TYR B 303 -29.75 -8.99 -30.45
CA TYR B 303 -28.81 -8.15 -31.19
C TYR B 303 -27.74 -9.04 -31.82
N LYS B 304 -27.63 -8.99 -33.16
CA LYS B 304 -26.71 -9.83 -33.90
C LYS B 304 -25.30 -9.25 -33.87
N THR B 305 -25.20 -7.92 -33.87
CA THR B 305 -23.93 -7.22 -33.89
C THR B 305 -24.00 -6.03 -32.92
N LEU B 306 -22.82 -5.50 -32.57
CA LEU B 306 -22.73 -4.33 -31.70
C LEU B 306 -23.30 -3.10 -32.39
N ASP B 307 -23.27 -3.10 -33.72
CA ASP B 307 -23.69 -1.96 -34.52
C ASP B 307 -25.21 -1.78 -34.45
N GLU B 308 -25.93 -2.83 -34.03
CA GLU B 308 -27.37 -2.77 -33.89
C GLU B 308 -27.78 -1.83 -32.74
N PHE B 309 -26.92 -1.67 -31.72
CA PHE B 309 -27.32 -0.92 -30.53
C PHE B 309 -26.28 0.12 -30.11
N ARG B 310 -25.12 0.21 -30.78
CA ARG B 310 -24.11 1.19 -30.39
C ARG B 310 -24.70 2.59 -30.48
N GLY B 311 -24.67 3.31 -29.36
CA GLY B 311 -25.08 4.71 -29.31
C GLY B 311 -26.59 4.90 -29.45
N ARG B 312 -27.37 3.85 -29.19
CA ARG B 312 -28.82 3.91 -29.35
C ARG B 312 -29.51 3.90 -27.98
N VAL B 313 -28.83 4.46 -26.96
CA VAL B 313 -29.45 4.74 -25.67
C VAL B 313 -30.69 5.59 -25.90
N LYS B 314 -31.78 5.26 -25.21
CA LYS B 314 -33.04 5.97 -25.35
C LYS B 314 -33.14 7.06 -24.29
N THR B 315 -33.65 8.22 -24.70
CA THR B 315 -33.98 9.31 -23.78
C THR B 315 -35.51 9.41 -23.70
N MET B 316 -35.99 10.16 -22.69
CA MET B 316 -37.42 10.25 -22.41
C MET B 316 -37.99 11.52 -23.05
N MET C 5 32.96 18.06 21.04
CA MET C 5 31.93 17.14 20.50
C MET C 5 32.08 17.06 18.98
N SER C 6 32.21 15.83 18.46
CA SER C 6 32.42 15.61 17.03
C SER C 6 31.84 14.26 16.62
N LEU C 7 30.98 14.29 15.58
CA LEU C 7 30.42 13.08 14.99
C LEU C 7 31.20 12.69 13.75
N LYS C 8 32.35 13.35 13.51
CA LYS C 8 33.10 13.15 12.28
C LYS C 8 33.58 11.71 12.16
N VAL C 9 33.57 11.20 10.92
CA VAL C 9 34.13 9.91 10.57
C VAL C 9 35.13 10.15 9.43
N ASN C 10 36.36 9.65 9.61
CA ASN C 10 37.41 9.80 8.62
C ASN C 10 37.80 8.42 8.09
N ILE C 11 37.21 8.05 6.95
CA ILE C 11 37.41 6.73 6.36
C ILE C 11 37.46 6.87 4.84
N LEU C 12 38.13 5.90 4.18
CA LEU C 12 38.13 5.75 2.73
C LEU C 12 38.62 7.03 2.04
N GLY C 13 39.40 7.85 2.76
CA GLY C 13 39.99 9.06 2.21
C GLY C 13 38.98 10.21 2.11
N HIS C 14 37.94 10.19 2.96
CA HIS C 14 36.97 11.27 3.01
C HIS C 14 36.70 11.65 4.47
N GLU C 15 36.31 12.92 4.68
CA GLU C 15 35.79 13.37 5.96
C GLU C 15 34.28 13.44 5.87
N PHE C 16 33.60 12.62 6.68
CA PHE C 16 32.15 12.66 6.80
C PHE C 16 31.79 13.48 8.03
N SER C 17 30.81 14.39 7.88
CA SER C 17 30.39 15.27 8.95
C SER C 17 29.81 14.46 10.11
N ASN C 18 29.18 13.33 9.78
CA ASN C 18 28.53 12.47 10.75
C ASN C 18 28.42 11.08 10.15
N PRO C 19 28.09 10.02 10.94
CA PRO C 19 28.11 8.65 10.43
C PRO C 19 26.85 8.23 9.65
N PHE C 20 25.89 9.14 9.48
CA PHE C 20 24.57 8.76 8.99
C PHE C 20 24.47 8.91 7.48
N MET C 21 23.73 7.97 6.88
CA MET C 21 23.36 8.03 5.47
C MET C 21 22.06 7.25 5.29
N ASN C 22 21.47 7.34 4.10
CA ASN C 22 20.31 6.53 3.76
C ASN C 22 20.78 5.10 3.50
N ALA C 23 19.88 4.14 3.74
CA ALA C 23 20.07 2.78 3.26
C ALA C 23 19.75 2.75 1.77
N ALA C 24 20.49 1.94 1.00
CA ALA C 24 20.23 1.81 -0.42
C ALA C 24 18.76 1.46 -0.63
N GLY C 25 18.11 2.14 -1.58
CA GLY C 25 16.72 1.87 -1.91
C GLY C 25 15.74 2.89 -1.36
N VAL C 26 16.14 3.63 -0.31
CA VAL C 26 15.27 4.60 0.33
C VAL C 26 15.75 6.01 0.00
N LEU C 27 14.86 6.82 -0.58
CA LEU C 27 15.12 8.21 -0.94
C LEU C 27 16.40 8.32 -1.75
N CYS C 28 16.48 7.58 -2.88
CA CYS C 28 17.71 7.56 -3.67
C CYS C 28 17.50 7.01 -5.09
N THR C 29 16.26 6.95 -5.58
CA THR C 29 15.98 6.38 -6.89
C THR C 29 16.04 7.48 -7.96
N THR C 30 15.43 8.64 -7.67
CA THR C 30 15.31 9.73 -8.63
C THR C 30 16.30 10.84 -8.30
N GLU C 31 16.45 11.78 -9.24
CA GLU C 31 17.30 12.95 -9.06
C GLU C 31 16.78 13.80 -7.89
N GLU C 32 15.45 13.92 -7.77
CA GLU C 32 14.84 14.70 -6.71
C GLU C 32 15.13 14.06 -5.36
N ASP C 33 15.00 12.73 -5.29
CA ASP C 33 15.33 11.99 -4.08
C ASP C 33 16.76 12.32 -3.65
N LEU C 34 17.69 12.27 -4.61
CA LEU C 34 19.10 12.43 -4.35
C LEU C 34 19.43 13.87 -3.94
N ARG C 35 18.72 14.83 -4.53
CA ARG C 35 18.83 16.23 -4.13
C ARG C 35 18.45 16.38 -2.65
N ARG C 36 17.33 15.76 -2.27
CA ARG C 36 16.79 15.87 -0.93
C ARG C 36 17.76 15.26 0.08
N MET C 37 18.38 14.12 -0.27
CA MET C 37 19.38 13.50 0.59
C MET C 37 20.61 14.40 0.71
N THR C 38 21.00 15.04 -0.41
CA THR C 38 22.18 15.90 -0.42
C THR C 38 21.91 17.15 0.42
N GLU C 39 20.67 17.65 0.41
CA GLU C 39 20.31 18.83 1.17
C GLU C 39 20.14 18.50 2.66
N SER C 40 19.92 17.22 2.98
CA SER C 40 19.72 16.79 4.36
C SER C 40 21.00 16.96 5.18
N GLU C 41 20.89 16.66 6.48
CA GLU C 41 22.00 16.75 7.42
C GLU C 41 22.83 15.45 7.41
N SER C 42 22.47 14.50 6.54
CA SER C 42 23.17 13.22 6.47
C SER C 42 24.65 13.45 6.17
N GLY C 43 25.50 12.58 6.74
CA GLY C 43 26.92 12.60 6.45
C GLY C 43 27.24 12.15 5.03
N SER C 44 26.36 11.32 4.45
CA SER C 44 26.56 10.81 3.10
C SER C 44 25.22 10.34 2.51
N LEU C 45 25.28 9.77 1.31
CA LEU C 45 24.12 9.18 0.66
C LEU C 45 24.58 8.08 -0.29
N ILE C 46 23.66 7.16 -0.62
CA ILE C 46 23.93 6.08 -1.55
C ILE C 46 22.78 6.00 -2.55
N GLY C 47 23.11 5.77 -3.82
CA GLY C 47 22.12 5.63 -4.87
C GLY C 47 21.39 4.29 -4.78
N LYS C 48 20.20 4.23 -5.38
CA LYS C 48 19.43 3.01 -5.51
C LYS C 48 20.27 1.93 -6.19
N SER C 49 20.16 0.69 -5.69
CA SER C 49 20.79 -0.46 -6.35
C SER C 49 20.32 -0.52 -7.79
N CYS C 50 21.26 -0.42 -8.74
CA CYS C 50 20.90 -0.27 -10.13
C CYS C 50 21.26 -1.52 -10.93
N THR C 51 20.67 -1.60 -12.13
CA THR C 51 20.92 -2.65 -13.10
C THR C 51 21.38 -1.98 -14.39
N LEU C 52 21.86 -2.78 -15.34
CA LEU C 52 22.41 -2.26 -16.59
C LEU C 52 21.33 -1.46 -17.32
N ALA C 53 20.12 -2.03 -17.41
CA ALA C 53 18.99 -1.39 -18.03
C ALA C 53 18.01 -0.89 -16.96
N PRO C 54 17.20 0.16 -17.25
CA PRO C 54 16.15 0.58 -16.34
C PRO C 54 15.13 -0.51 -16.02
N ARG C 55 14.55 -0.45 -14.82
CA ARG C 55 13.51 -1.36 -14.37
C ARG C 55 12.39 -0.57 -13.70
N THR C 56 11.14 -0.98 -13.93
CA THR C 56 9.99 -0.40 -13.25
C THR C 56 9.65 -1.20 -12.00
N GLY C 57 10.19 -2.42 -11.89
CA GLY C 57 10.05 -3.23 -10.69
C GLY C 57 8.74 -4.01 -10.66
N ASN C 58 8.38 -4.50 -9.47
CA ASN C 58 7.26 -5.42 -9.29
C ASN C 58 5.94 -4.66 -9.31
N PRO C 59 4.80 -5.35 -9.58
CA PRO C 59 3.49 -4.72 -9.53
C PRO C 59 2.99 -4.43 -8.12
N GLU C 60 1.96 -3.59 -8.02
CA GLU C 60 1.45 -3.07 -6.75
C GLU C 60 0.34 -3.93 -6.14
N PRO C 61 0.13 -3.89 -4.80
CA PRO C 61 1.02 -3.22 -3.85
C PRO C 61 2.30 -4.01 -3.58
N ARG C 62 3.43 -3.29 -3.44
CA ARG C 62 4.73 -3.92 -3.26
C ARG C 62 5.45 -3.41 -2.00
N TYR C 63 4.80 -2.51 -1.25
CA TYR C 63 5.35 -2.01 0.00
C TYR C 63 4.22 -1.91 1.02
N PHE C 64 4.52 -2.25 2.28
CA PHE C 64 3.54 -2.12 3.35
C PHE C 64 4.26 -1.75 4.64
N GLY C 65 3.94 -0.56 5.17
CA GLY C 65 4.41 -0.11 6.47
C GLY C 65 3.74 -0.89 7.60
N LEU C 66 4.55 -1.25 8.60
CA LEU C 66 4.10 -2.05 9.73
C LEU C 66 4.34 -1.29 11.03
N PRO C 67 3.61 -1.61 12.12
CA PRO C 67 3.92 -1.07 13.44
C PRO C 67 5.39 -1.22 13.84
N LEU C 68 6.00 -2.36 13.50
CA LEU C 68 7.36 -2.68 13.91
C LEU C 68 8.36 -2.52 12.76
N GLY C 69 7.91 -2.04 11.59
CA GLY C 69 8.84 -1.76 10.51
C GLY C 69 8.17 -1.74 9.13
N SER C 70 8.68 -2.57 8.22
CA SER C 70 8.22 -2.57 6.84
C SER C 70 8.41 -3.95 6.20
N ILE C 71 7.56 -4.25 5.21
CA ILE C 71 7.77 -5.36 4.30
C ILE C 71 7.69 -4.81 2.87
N ASN C 72 8.60 -5.27 1.99
CA ASN C 72 8.60 -4.79 0.62
C ASN C 72 9.04 -5.91 -0.34
N SER C 73 8.55 -5.81 -1.57
CA SER C 73 9.09 -6.54 -2.71
C SER C 73 9.13 -5.60 -3.90
N MET C 74 9.98 -4.58 -3.81
CA MET C 74 10.02 -3.49 -4.78
C MET C 74 10.39 -4.03 -6.16
N GLY C 75 11.39 -4.92 -6.22
CA GLY C 75 11.81 -5.55 -7.46
C GLY C 75 12.88 -4.74 -8.20
N LEU C 76 13.71 -4.02 -7.45
CA LEU C 76 14.81 -3.23 -7.99
C LEU C 76 14.32 -2.26 -9.06
N PRO C 77 13.32 -1.40 -8.78
CA PRO C 77 12.99 -0.31 -9.69
C PRO C 77 14.08 0.76 -9.70
N ASN C 78 14.65 1.02 -10.88
CA ASN C 78 15.77 1.93 -10.98
C ASN C 78 15.88 2.48 -12.40
N LEU C 79 16.56 3.62 -12.53
CA LEU C 79 16.65 4.36 -13.80
C LEU C 79 17.81 3.87 -14.65
N GLY C 80 18.48 2.79 -14.23
CA GLY C 80 19.58 2.21 -14.98
C GLY C 80 20.91 2.84 -14.60
N VAL C 81 22.01 2.09 -14.82
CA VAL C 81 23.32 2.47 -14.33
C VAL C 81 23.75 3.82 -14.91
N ASP C 82 23.42 4.07 -16.19
CA ASP C 82 23.86 5.27 -16.87
C ASP C 82 23.33 6.52 -16.17
N PHE C 83 22.12 6.43 -15.60
CA PHE C 83 21.53 7.55 -14.88
C PHE C 83 22.35 7.87 -13.64
N TYR C 84 22.69 6.84 -12.85
CA TYR C 84 23.36 7.03 -11.57
C TYR C 84 24.82 7.44 -11.80
N LEU C 85 25.42 6.95 -12.87
CA LEU C 85 26.78 7.34 -13.24
C LEU C 85 26.79 8.81 -13.66
N SER C 86 25.76 9.22 -14.41
CA SER C 86 25.60 10.59 -14.86
C SER C 86 25.41 11.52 -13.65
N TYR C 87 24.63 11.07 -12.67
CA TYR C 87 24.41 11.84 -11.45
C TYR C 87 25.75 12.00 -10.71
N ALA C 88 26.52 10.91 -10.62
CA ALA C 88 27.79 10.91 -9.91
C ALA C 88 28.80 11.83 -10.60
N ALA C 89 28.76 11.86 -11.95
CA ALA C 89 29.76 12.55 -12.74
C ALA C 89 29.45 14.04 -12.91
N GLN C 90 28.15 14.40 -12.93
CA GLN C 90 27.73 15.72 -13.35
C GLN C 90 26.95 16.46 -12.26
N THR C 91 26.01 15.80 -11.60
CA THR C 91 24.99 16.48 -10.82
C THR C 91 25.42 16.64 -9.35
N HIS C 92 25.93 15.56 -8.73
CA HIS C 92 26.14 15.54 -7.29
C HIS C 92 27.13 16.63 -6.86
N ASP C 93 26.81 17.28 -5.73
CA ASP C 93 27.67 18.27 -5.12
C ASP C 93 28.53 17.59 -4.06
N TYR C 94 29.79 17.31 -4.41
CA TYR C 94 30.72 16.61 -3.53
C TYR C 94 31.22 17.53 -2.42
N SER C 95 31.00 18.85 -2.56
CA SER C 95 31.34 19.79 -1.50
C SER C 95 30.37 19.64 -0.32
N ARG C 96 29.18 19.10 -0.59
CA ARG C 96 28.21 18.83 0.46
C ARG C 96 28.61 17.56 1.22
N LYS C 97 28.73 16.44 0.50
CA LYS C 97 29.07 15.17 1.12
C LYS C 97 29.54 14.16 0.06
N PRO C 98 30.26 13.09 0.46
CA PRO C 98 30.62 12.01 -0.47
C PRO C 98 29.41 11.22 -0.95
N LEU C 99 29.57 10.55 -2.10
CA LEU C 99 28.51 9.77 -2.72
C LEU C 99 28.94 8.31 -2.83
N PHE C 100 28.03 7.40 -2.44
CA PHE C 100 28.15 5.98 -2.75
C PHE C 100 27.16 5.65 -3.86
N LEU C 101 27.50 4.66 -4.69
CA LEU C 101 26.56 4.06 -5.62
C LEU C 101 26.45 2.57 -5.29
N SER C 102 25.20 2.07 -5.25
CA SER C 102 24.94 0.65 -5.11
C SER C 102 24.72 0.04 -6.50
N MET C 103 25.35 -1.12 -6.74
CA MET C 103 25.22 -1.79 -8.01
C MET C 103 24.80 -3.24 -7.78
N SER C 104 23.68 -3.62 -8.43
CA SER C 104 23.05 -4.91 -8.23
C SER C 104 22.68 -5.52 -9.58
N GLY C 105 23.70 -5.77 -10.41
CA GLY C 105 23.53 -6.58 -11.61
C GLY C 105 22.94 -7.94 -11.26
N LEU C 106 22.19 -8.53 -12.19
CA LEU C 106 21.48 -9.78 -11.96
C LEU C 106 22.37 -10.97 -12.34
N SER C 107 23.56 -10.69 -12.87
CA SER C 107 24.58 -11.70 -13.11
C SER C 107 25.96 -11.09 -12.91
N VAL C 108 26.98 -11.93 -12.78
CA VAL C 108 28.34 -11.47 -12.58
C VAL C 108 28.78 -10.67 -13.81
N GLU C 109 28.31 -11.09 -14.99
CA GLU C 109 28.61 -10.44 -16.25
C GLU C 109 28.08 -9.00 -16.24
N GLU C 110 26.84 -8.83 -15.79
CA GLU C 110 26.19 -7.53 -15.73
C GLU C 110 26.93 -6.63 -14.74
N SER C 111 27.29 -7.17 -13.57
CA SER C 111 27.99 -6.42 -12.55
C SER C 111 29.35 -5.93 -13.06
N VAL C 112 30.05 -6.79 -13.80
CA VAL C 112 31.38 -6.46 -14.31
C VAL C 112 31.28 -5.30 -15.30
N GLU C 113 30.33 -5.38 -16.24
CA GLU C 113 30.12 -4.33 -17.23
C GLU C 113 29.82 -3.00 -16.54
N MET C 114 29.09 -3.04 -15.43
CA MET C 114 28.67 -1.85 -14.72
C MET C 114 29.84 -1.20 -13.98
N VAL C 115 30.64 -1.99 -13.26
CA VAL C 115 31.69 -1.45 -12.41
C VAL C 115 32.81 -0.85 -13.27
N LYS C 116 32.97 -1.38 -14.49
CA LYS C 116 33.97 -0.87 -15.42
C LYS C 116 33.66 0.58 -15.80
N LYS C 117 32.36 0.89 -15.97
CA LYS C 117 31.92 2.24 -16.32
C LYS C 117 32.20 3.21 -15.17
N LEU C 118 32.25 2.70 -13.93
CA LEU C 118 32.40 3.53 -12.74
C LEU C 118 33.85 3.96 -12.56
N VAL C 119 34.80 3.12 -13.02
CA VAL C 119 36.21 3.32 -12.74
C VAL C 119 36.62 4.77 -12.99
N PRO C 120 36.44 5.32 -14.22
CA PRO C 120 36.82 6.71 -14.49
C PRO C 120 36.18 7.75 -13.56
N ILE C 121 34.95 7.49 -13.10
CA ILE C 121 34.21 8.46 -12.30
C ILE C 121 34.72 8.42 -10.86
N THR C 122 35.05 7.22 -10.35
CA THR C 122 35.70 7.08 -9.05
C THR C 122 37.00 7.89 -9.06
N LYS C 123 37.79 7.73 -10.13
CA LYS C 123 39.10 8.35 -10.23
C LYS C 123 38.99 9.87 -10.21
N GLU C 124 37.98 10.41 -10.91
CA GLU C 124 37.83 11.86 -11.04
C GLU C 124 37.11 12.45 -9.82
N LYS C 125 36.02 11.81 -9.38
CA LYS C 125 35.09 12.43 -8.44
C LYS C 125 35.19 11.82 -7.04
N GLY C 126 35.65 10.57 -6.94
CA GLY C 126 35.78 9.90 -5.65
C GLY C 126 34.52 9.14 -5.26
N THR C 127 33.66 8.83 -6.24
CA THR C 127 32.44 8.06 -6.03
C THR C 127 32.83 6.68 -5.50
N ILE C 128 32.08 6.19 -4.50
CA ILE C 128 32.39 4.94 -3.81
C ILE C 128 31.41 3.87 -4.26
N LEU C 129 31.92 2.64 -4.46
CA LEU C 129 31.11 1.51 -4.92
C LEU C 129 30.68 0.66 -3.74
N GLU C 130 29.37 0.36 -3.66
CA GLU C 130 28.83 -0.68 -2.80
C GLU C 130 28.21 -1.76 -3.71
N LEU C 131 28.86 -2.93 -3.78
CA LEU C 131 28.38 -4.04 -4.58
C LEU C 131 27.32 -4.80 -3.78
N ASN C 132 26.11 -4.89 -4.34
CA ASN C 132 24.97 -5.49 -3.64
C ASN C 132 24.97 -7.00 -3.88
N LEU C 133 25.13 -7.79 -2.80
CA LEU C 133 25.12 -9.23 -2.88
C LEU C 133 23.92 -9.81 -2.11
N SER C 134 22.81 -9.07 -2.00
N SER C 134 22.88 -8.98 -1.97
CA SER C 134 21.77 -9.46 -1.06
CA SER C 134 21.67 -9.31 -1.24
C SER C 134 20.36 -9.07 -1.48
C SER C 134 20.51 -9.41 -2.22
N ALA C 135 20.14 -8.82 -2.78
N ALA C 135 19.72 -8.32 -2.31
CA ALA C 135 18.83 -8.38 -3.27
CA ALA C 135 18.66 -8.22 -3.30
C ALA C 135 17.82 -9.53 -3.20
C ALA C 135 17.77 -9.45 -3.24
N PRO C 136 16.87 -9.55 -2.24
CA PRO C 136 16.02 -10.72 -2.05
C PRO C 136 14.64 -10.70 -2.71
N ASN C 137 14.34 -9.71 -3.55
CA ASN C 137 12.98 -9.50 -4.05
C ASN C 137 12.91 -9.61 -5.58
N VAL C 138 13.87 -10.30 -6.18
CA VAL C 138 13.84 -10.55 -7.62
C VAL C 138 13.47 -12.01 -7.84
N PRO C 139 12.29 -12.31 -8.42
CA PRO C 139 11.86 -13.69 -8.62
C PRO C 139 12.85 -14.52 -9.45
N GLY C 140 13.32 -15.62 -8.86
CA GLY C 140 14.16 -16.58 -9.55
C GLY C 140 15.66 -16.30 -9.39
N LYS C 141 16.00 -15.30 -8.56
CA LYS C 141 17.38 -14.91 -8.34
C LYS C 141 17.70 -15.03 -6.85
N PRO C 142 18.37 -16.11 -6.40
CA PRO C 142 18.78 -16.24 -5.00
C PRO C 142 19.78 -15.17 -4.59
N GLN C 143 19.84 -14.89 -3.28
CA GLN C 143 20.78 -13.92 -2.73
C GLN C 143 22.20 -14.47 -2.88
N VAL C 144 23.05 -13.74 -3.60
CA VAL C 144 24.40 -14.18 -3.93
C VAL C 144 25.17 -14.50 -2.64
N GLY C 145 24.96 -13.69 -1.60
CA GLY C 145 25.69 -13.81 -0.34
C GLY C 145 25.42 -15.12 0.40
N TYR C 146 24.38 -15.86 -0.01
CA TYR C 146 24.05 -17.13 0.63
C TYR C 146 24.69 -18.30 -0.13
N ASP C 147 25.43 -18.01 -1.21
CA ASP C 147 26.23 -19.01 -1.91
C ASP C 147 27.67 -18.51 -1.94
N PHE C 148 28.54 -19.18 -1.16
CA PHE C 148 29.89 -18.69 -0.93
C PHE C 148 30.76 -18.95 -2.16
N ASP C 149 30.38 -19.93 -2.99
CA ASP C 149 31.05 -20.17 -4.26
C ASP C 149 30.75 -19.02 -5.22
N THR C 150 29.47 -18.65 -5.34
CA THR C 150 29.05 -17.57 -6.22
C THR C 150 29.65 -16.26 -5.72
N THR C 151 29.63 -16.04 -4.40
CA THR C 151 30.18 -14.82 -3.82
C THR C 151 31.64 -14.68 -4.21
N ARG C 152 32.40 -15.79 -4.11
CA ARG C 152 33.82 -15.78 -4.46
C ARG C 152 34.01 -15.32 -5.91
N THR C 153 33.16 -15.83 -6.81
CA THR C 153 33.24 -15.52 -8.23
C THR C 153 32.99 -14.02 -8.47
N TYR C 154 31.95 -13.47 -7.83
CA TYR C 154 31.61 -12.07 -7.97
C TYR C 154 32.79 -11.20 -7.53
N LEU C 155 33.36 -11.49 -6.38
CA LEU C 155 34.39 -10.66 -5.78
C LEU C 155 35.68 -10.73 -6.61
N GLN C 156 35.96 -11.90 -7.18
CA GLN C 156 37.16 -12.07 -8.00
C GLN C 156 37.04 -11.22 -9.27
N LYS C 157 35.89 -11.30 -9.95
CA LYS C 157 35.70 -10.65 -11.23
C LYS C 157 35.53 -9.14 -11.06
N VAL C 158 34.91 -8.70 -9.95
CA VAL C 158 34.71 -7.29 -9.70
C VAL C 158 36.03 -6.66 -9.24
N SER C 159 36.80 -7.38 -8.41
CA SER C 159 38.11 -6.94 -7.98
C SER C 159 39.01 -6.69 -9.20
N GLU C 160 38.94 -7.62 -10.16
CA GLU C 160 39.72 -7.55 -11.38
C GLU C 160 39.29 -6.35 -12.23
N ALA C 161 37.96 -6.20 -12.41
CA ALA C 161 37.42 -5.22 -13.33
C ALA C 161 37.50 -3.79 -12.78
N TYR C 162 37.31 -3.64 -11.46
CA TYR C 162 37.22 -2.33 -10.84
C TYR C 162 38.62 -1.89 -10.38
N GLY C 163 39.29 -2.73 -9.59
CA GLY C 163 40.70 -2.57 -9.28
C GLY C 163 40.96 -1.48 -8.22
N LEU C 164 39.90 -1.01 -7.56
CA LEU C 164 40.01 0.04 -6.57
C LEU C 164 39.26 -0.40 -5.31
N PRO C 165 39.52 0.20 -4.13
CA PRO C 165 38.76 -0.12 -2.92
C PRO C 165 37.25 0.02 -3.13
N PHE C 166 36.49 -0.98 -2.66
CA PHE C 166 35.04 -0.97 -2.78
C PHE C 166 34.46 -1.74 -1.59
N GLY C 167 33.12 -1.73 -1.49
CA GLY C 167 32.42 -2.40 -0.41
C GLY C 167 31.33 -3.33 -0.92
N VAL C 168 30.75 -4.10 0.02
CA VAL C 168 29.73 -5.08 -0.30
C VAL C 168 28.56 -4.94 0.68
N LYS C 169 27.34 -5.02 0.14
CA LYS C 169 26.13 -5.12 0.94
C LYS C 169 25.79 -6.60 1.10
N MET C 170 25.78 -7.06 2.35
CA MET C 170 25.67 -8.48 2.66
C MET C 170 24.27 -8.80 3.17
N PRO C 171 23.74 -10.02 2.91
CA PRO C 171 22.52 -10.47 3.56
C PRO C 171 22.80 -10.84 5.02
N PRO C 172 21.77 -10.88 5.90
CA PRO C 172 21.99 -11.30 7.27
C PRO C 172 22.27 -12.80 7.38
N TYR C 173 23.26 -13.15 8.22
CA TYR C 173 23.55 -14.54 8.53
C TYR C 173 23.06 -14.83 9.95
N PHE C 174 22.75 -16.11 10.20
CA PHE C 174 22.08 -16.52 11.43
C PHE C 174 22.76 -17.73 12.07
N ASP C 175 23.98 -18.06 11.61
CA ASP C 175 24.73 -19.18 12.16
C ASP C 175 26.20 -18.76 12.25
N ILE C 176 26.87 -19.20 13.33
CA ILE C 176 28.27 -18.85 13.56
C ILE C 176 29.12 -19.38 12.40
N ALA C 177 28.78 -20.57 11.90
CA ALA C 177 29.50 -21.18 10.80
C ALA C 177 29.42 -20.32 9.54
N HIS C 178 28.28 -19.65 9.34
CA HIS C 178 28.08 -18.79 8.18
C HIS C 178 28.93 -17.52 8.28
N PHE C 179 29.04 -16.96 9.50
CA PHE C 179 29.92 -15.82 9.73
C PHE C 179 31.35 -16.20 9.33
N ASP C 180 31.77 -17.39 9.74
CA ASP C 180 33.13 -17.88 9.49
C ASP C 180 33.35 -18.06 7.98
N MET C 181 32.38 -18.68 7.29
CA MET C 181 32.50 -18.96 5.88
C MET C 181 32.50 -17.66 5.07
N ALA C 182 31.62 -16.72 5.45
CA ALA C 182 31.53 -15.43 4.76
C ALA C 182 32.83 -14.66 4.93
N ALA C 183 33.35 -14.63 6.17
CA ALA C 183 34.57 -13.90 6.48
C ALA C 183 35.76 -14.47 5.72
N ALA C 184 35.80 -15.81 5.58
CA ALA C 184 36.87 -16.49 4.87
C ALA C 184 36.92 -16.03 3.41
N VAL C 185 35.75 -15.88 2.79
CA VAL C 185 35.66 -15.41 1.41
C VAL C 185 36.08 -13.94 1.37
N LEU C 186 35.49 -13.11 2.23
CA LEU C 186 35.68 -11.67 2.19
C LEU C 186 37.16 -11.32 2.39
N ASN C 187 37.83 -12.03 3.31
CA ASN C 187 39.22 -11.75 3.65
C ASN C 187 40.18 -12.13 2.52
N ASP C 188 39.69 -12.90 1.52
CA ASP C 188 40.50 -13.28 0.38
C ASP C 188 40.51 -12.20 -0.69
N PHE C 189 39.79 -11.09 -0.46
CA PHE C 189 39.71 -10.00 -1.42
C PHE C 189 40.06 -8.69 -0.71
N PRO C 190 41.35 -8.26 -0.72
CA PRO C 190 41.78 -7.08 0.02
C PRO C 190 41.18 -5.76 -0.48
N LEU C 191 40.64 -5.73 -1.70
CA LEU C 191 40.06 -4.51 -2.25
C LEU C 191 38.67 -4.26 -1.64
N VAL C 192 38.07 -5.29 -1.03
CA VAL C 192 36.84 -5.10 -0.27
C VAL C 192 37.21 -4.43 1.05
N LYS C 193 36.94 -3.12 1.15
CA LYS C 193 37.41 -2.32 2.27
C LYS C 193 36.30 -2.01 3.27
N PHE C 194 35.04 -2.28 2.89
CA PHE C 194 33.95 -2.16 3.86
C PHE C 194 32.85 -3.17 3.55
N ILE C 195 32.14 -3.54 4.62
CA ILE C 195 31.04 -4.49 4.60
C ILE C 195 29.81 -3.80 5.20
N THR C 196 28.69 -3.77 4.47
CA THR C 196 27.46 -3.24 5.00
C THR C 196 26.59 -4.39 5.50
N CYS C 197 26.33 -4.39 6.82
CA CYS C 197 25.50 -5.37 7.49
C CYS C 197 24.32 -4.64 8.13
N VAL C 198 23.07 -4.90 7.70
CA VAL C 198 22.67 -5.99 6.82
C VAL C 198 21.60 -5.47 5.85
N ASN C 199 21.31 -6.27 4.82
CA ASN C 199 20.14 -6.07 3.99
C ASN C 199 18.91 -6.59 4.76
N SER C 200 17.73 -6.48 4.14
CA SER C 200 16.49 -6.97 4.71
C SER C 200 16.62 -8.40 5.19
N ILE C 201 15.88 -8.76 6.24
CA ILE C 201 15.62 -10.15 6.56
C ILE C 201 14.65 -10.67 5.50
N GLY C 202 15.14 -11.58 4.65
CA GLY C 202 14.47 -11.94 3.41
C GLY C 202 13.23 -12.79 3.62
N ASN C 203 12.24 -12.59 2.75
CA ASN C 203 11.17 -13.53 2.52
C ASN C 203 10.36 -13.77 3.79
N GLY C 204 9.96 -12.67 4.44
CA GLY C 204 8.93 -12.70 5.47
C GLY C 204 7.55 -12.61 4.85
N LEU C 205 6.51 -12.93 5.63
CA LEU C 205 5.14 -12.92 5.17
C LEU C 205 4.26 -12.18 6.17
N VAL C 206 3.48 -11.21 5.68
CA VAL C 206 2.53 -10.48 6.51
C VAL C 206 1.13 -10.70 5.93
N ILE C 207 0.18 -11.02 6.83
CA ILE C 207 -1.20 -11.28 6.46
C ILE C 207 -2.10 -10.34 7.26
N ASP C 208 -3.09 -9.76 6.57
CA ASP C 208 -4.11 -8.94 7.20
C ASP C 208 -5.22 -9.88 7.70
N PRO C 209 -5.50 -9.93 9.03
CA PRO C 209 -6.50 -10.85 9.56
C PRO C 209 -7.94 -10.53 9.16
N ALA C 210 -8.19 -9.25 8.82
CA ALA C 210 -9.52 -8.81 8.43
C ALA C 210 -9.96 -9.47 7.13
N ASN C 211 -9.17 -9.31 6.06
CA ASN C 211 -9.53 -9.81 4.74
C ASN C 211 -8.82 -11.12 4.44
N GLU C 212 -7.98 -11.60 5.37
CA GLU C 212 -7.32 -12.90 5.26
C GLU C 212 -6.40 -12.94 4.03
N THR C 213 -5.86 -11.77 3.67
CA THR C 213 -5.07 -11.62 2.46
C THR C 213 -3.67 -11.12 2.83
N VAL C 214 -2.67 -11.55 2.07
CA VAL C 214 -1.31 -11.03 2.19
C VAL C 214 -1.33 -9.55 1.80
N VAL C 215 -0.37 -8.78 2.33
CA VAL C 215 -0.43 -7.32 2.24
C VAL C 215 0.33 -6.82 1.02
N ILE C 216 1.18 -7.65 0.40
CA ILE C 216 1.86 -7.28 -0.84
C ILE C 216 1.59 -8.35 -1.90
N LYS C 217 1.67 -7.92 -3.17
CA LYS C 217 1.25 -8.74 -4.31
C LYS C 217 2.36 -9.70 -4.74
N PRO C 218 3.62 -9.24 -4.95
CA PRO C 218 4.66 -10.12 -5.50
C PRO C 218 4.97 -11.34 -4.64
N LYS C 219 5.34 -12.43 -5.31
CA LYS C 219 5.89 -13.62 -4.67
C LYS C 219 4.95 -14.15 -3.57
N GLN C 220 3.65 -14.11 -3.84
CA GLN C 220 2.63 -14.66 -2.94
C GLN C 220 2.71 -14.02 -1.55
N GLY C 221 3.15 -12.74 -1.50
CA GLY C 221 3.16 -11.99 -0.27
C GLY C 221 4.53 -11.98 0.43
N PHE C 222 5.52 -12.69 -0.14
CA PHE C 222 6.81 -12.81 0.50
C PHE C 222 7.66 -11.59 0.17
N GLY C 223 8.22 -10.95 1.21
CA GLY C 223 8.99 -9.73 1.04
C GLY C 223 10.06 -9.56 2.13
N GLY C 224 11.00 -8.65 1.86
CA GLY C 224 12.07 -8.33 2.79
C GLY C 224 11.56 -7.50 3.97
N LEU C 225 12.03 -7.83 5.17
CA LEU C 225 11.64 -7.15 6.40
C LEU C 225 12.70 -6.10 6.76
N GLY C 226 12.23 -4.92 7.17
CA GLY C 226 13.08 -3.87 7.70
C GLY C 226 12.48 -3.30 8.98
N GLY C 227 13.28 -2.48 9.68
CA GLY C 227 12.81 -1.76 10.85
C GLY C 227 13.18 -2.48 12.15
N LYS C 228 12.27 -2.43 13.13
CA LYS C 228 12.55 -2.89 14.48
C LYS C 228 12.80 -4.40 14.51
N TYR C 229 12.27 -5.11 13.50
CA TYR C 229 12.45 -6.55 13.36
C TYR C 229 13.93 -6.92 13.27
N VAL C 230 14.76 -6.01 12.74
CA VAL C 230 16.07 -6.37 12.21
C VAL C 230 17.21 -5.97 13.15
N LEU C 231 16.93 -5.23 14.22
CA LEU C 231 18.00 -4.58 14.99
C LEU C 231 18.95 -5.63 15.58
N PRO C 232 18.48 -6.64 16.38
CA PRO C 232 19.39 -7.62 16.95
C PRO C 232 20.20 -8.40 15.92
N THR C 233 19.58 -8.71 14.78
CA THR C 233 20.25 -9.38 13.68
C THR C 233 21.36 -8.48 13.12
N ALA C 234 21.05 -7.19 12.95
CA ALA C 234 21.99 -6.24 12.37
C ALA C 234 23.21 -6.08 13.28
N LEU C 235 22.97 -5.91 14.59
CA LEU C 235 24.04 -5.72 15.56
C LEU C 235 24.95 -6.95 15.59
N ALA C 236 24.34 -8.14 15.52
CA ALA C 236 25.08 -9.40 15.52
C ALA C 236 26.02 -9.48 14.33
N ASN C 237 25.50 -9.16 13.15
CA ASN C 237 26.28 -9.24 11.91
C ASN C 237 27.39 -8.20 11.94
N VAL C 238 27.08 -6.98 12.38
CA VAL C 238 28.06 -5.91 12.47
C VAL C 238 29.24 -6.37 13.35
N ASN C 239 28.93 -6.91 14.53
CA ASN C 239 29.96 -7.27 15.51
C ASN C 239 30.75 -8.48 15.02
N ALA C 240 30.07 -9.44 14.40
CA ALA C 240 30.70 -10.66 13.93
C ALA C 240 31.76 -10.35 12.88
N PHE C 241 31.46 -9.45 11.94
CA PHE C 241 32.38 -9.12 10.87
C PHE C 241 33.44 -8.13 11.34
N PHE C 242 33.08 -7.26 12.29
CA PHE C 242 34.04 -6.35 12.89
C PHE C 242 35.22 -7.15 13.46
N ARG C 243 34.92 -8.26 14.13
CA ARG C 243 35.94 -9.08 14.77
C ARG C 243 36.69 -9.94 13.74
N ARG C 244 35.98 -10.42 12.71
CA ARG C 244 36.55 -11.39 11.79
C ARG C 244 37.34 -10.73 10.65
N CYS C 245 37.05 -9.46 10.37
CA CYS C 245 37.63 -8.77 9.21
C CYS C 245 38.35 -7.50 9.66
N PRO C 246 39.54 -7.61 10.28
CA PRO C 246 40.24 -6.45 10.83
C PRO C 246 40.74 -5.42 9.81
N ASP C 247 40.90 -5.79 8.53
CA ASP C 247 41.38 -4.84 7.54
C ASP C 247 40.21 -4.26 6.75
N LYS C 248 38.99 -4.38 7.28
CA LYS C 248 37.80 -3.85 6.64
C LYS C 248 36.99 -3.04 7.65
N LEU C 249 36.26 -2.04 7.14
CA LEU C 249 35.29 -1.30 7.92
C LEU C 249 33.95 -2.01 7.83
N VAL C 250 33.11 -1.82 8.86
CA VAL C 250 31.76 -2.35 8.84
C VAL C 250 30.78 -1.18 8.92
N PHE C 251 29.81 -1.16 7.99
CA PHE C 251 28.71 -0.22 8.03
C PHE C 251 27.50 -0.94 8.60
N GLY C 252 26.86 -0.31 9.59
CA GLY C 252 25.65 -0.83 10.19
C GLY C 252 24.40 -0.39 9.41
N CYS C 253 23.48 -1.34 9.20
CA CYS C 253 22.21 -1.06 8.57
C CYS C 253 21.15 -2.00 9.16
N GLY C 254 20.10 -1.41 9.75
CA GLY C 254 18.99 -2.20 10.27
C GLY C 254 18.52 -1.68 11.63
N GLY C 255 17.26 -1.24 11.68
CA GLY C 255 16.56 -0.99 12.93
C GLY C 255 16.89 0.35 13.57
N VAL C 256 17.53 1.25 12.81
CA VAL C 256 17.90 2.56 13.34
C VAL C 256 16.69 3.48 13.24
N TYR C 257 16.16 3.86 14.41
CA TYR C 257 15.08 4.84 14.51
C TYR C 257 15.53 6.06 15.33
N SER C 258 16.66 5.94 16.03
CA SER C 258 17.05 6.95 16.99
C SER C 258 18.57 6.95 17.20
N GLY C 259 19.04 7.98 17.91
CA GLY C 259 20.44 8.09 18.30
C GLY C 259 20.91 6.88 19.11
N GLU C 260 19.99 6.29 19.89
CA GLU C 260 20.30 5.16 20.75
C GLU C 260 20.69 3.95 19.90
N GLU C 261 19.89 3.64 18.87
CA GLU C 261 20.19 2.51 18.00
C GLU C 261 21.49 2.77 17.24
N ALA C 262 21.70 4.01 16.82
CA ALA C 262 22.93 4.41 16.15
C ALA C 262 24.14 4.17 17.07
N PHE C 263 23.97 4.51 18.36
CA PHE C 263 25.02 4.31 19.35
C PHE C 263 25.38 2.83 19.46
N LEU C 264 24.36 1.96 19.47
CA LEU C 264 24.56 0.53 19.61
C LEU C 264 25.30 -0.04 18.40
N HIS C 265 24.94 0.42 17.20
CA HIS C 265 25.62 0.01 15.98
C HIS C 265 27.11 0.33 16.04
N ILE C 266 27.44 1.56 16.46
CA ILE C 266 28.82 2.01 16.51
C ILE C 266 29.58 1.24 17.59
N LEU C 267 28.91 1.01 18.73
CA LEU C 267 29.48 0.23 19.83
C LEU C 267 29.79 -1.19 19.38
N ALA C 268 28.96 -1.72 18.46
CA ALA C 268 29.14 -3.05 17.90
C ALA C 268 30.31 -3.08 16.91
N GLY C 269 30.63 -1.93 16.32
CA GLY C 269 31.80 -1.81 15.46
C GLY C 269 31.56 -0.99 14.19
N ALA C 270 30.37 -0.39 14.04
CA ALA C 270 30.01 0.31 12.82
C ALA C 270 30.80 1.61 12.68
N SER C 271 31.27 1.87 11.45
CA SER C 271 31.92 3.13 11.11
C SER C 271 30.88 4.12 10.59
N MET C 272 29.99 3.65 9.70
CA MET C 272 28.86 4.43 9.23
C MET C 272 27.56 3.71 9.62
N VAL C 273 26.45 4.48 9.67
CA VAL C 273 25.16 3.95 10.07
C VAL C 273 24.12 4.36 9.02
N GLN C 274 23.44 3.37 8.43
CA GLN C 274 22.46 3.61 7.38
C GLN C 274 21.05 3.52 7.96
N VAL C 275 20.14 4.29 7.38
CA VAL C 275 18.77 4.39 7.85
C VAL C 275 17.83 4.12 6.68
N GLY C 276 16.97 3.10 6.82
CA GLY C 276 16.04 2.70 5.77
C GLY C 276 14.59 2.99 6.14
N THR C 277 13.95 2.04 6.83
CA THR C 277 12.53 2.10 7.12
C THR C 277 12.17 3.41 7.82
N ALA C 278 12.97 3.82 8.82
CA ALA C 278 12.67 5.02 9.60
C ALA C 278 12.70 6.27 8.71
N LEU C 279 13.62 6.29 7.74
CA LEU C 279 13.74 7.40 6.79
C LEU C 279 12.53 7.42 5.87
N HIS C 280 12.10 6.23 5.41
CA HIS C 280 10.93 6.09 4.57
C HIS C 280 9.72 6.64 5.30
N ASP C 281 9.67 6.41 6.62
CA ASP C 281 8.57 6.84 7.46
C ASP C 281 8.59 8.35 7.69
N GLU C 282 9.78 8.91 7.97
CA GLU C 282 9.89 10.23 8.54
C GLU C 282 10.31 11.28 7.51
N GLY C 283 11.09 10.87 6.50
CA GLY C 283 11.66 11.80 5.55
C GLY C 283 13.03 12.30 6.02
N PRO C 284 13.78 13.04 5.16
CA PRO C 284 15.16 13.41 5.44
C PRO C 284 15.40 14.26 6.69
N ILE C 285 14.34 14.81 7.30
CA ILE C 285 14.48 15.57 8.54
C ILE C 285 15.00 14.67 9.65
N ILE C 286 14.89 13.34 9.47
CA ILE C 286 15.33 12.37 10.46
C ILE C 286 16.81 12.56 10.79
N PHE C 287 17.61 13.00 9.81
CA PHE C 287 19.05 13.08 9.96
C PHE C 287 19.43 14.17 10.98
N ALA C 288 18.66 15.26 11.01
CA ALA C 288 18.85 16.30 12.02
C ALA C 288 18.61 15.74 13.41
N ARG C 289 17.54 14.96 13.56
CA ARG C 289 17.16 14.38 14.84
C ARG C 289 18.22 13.38 15.31
N LEU C 290 18.74 12.57 14.38
CA LEU C 290 19.71 11.53 14.70
C LEU C 290 21.01 12.15 15.22
N ASN C 291 21.48 13.20 14.55
CA ASN C 291 22.69 13.91 14.95
C ASN C 291 22.54 14.43 16.38
N LYS C 292 21.40 15.07 16.65
CA LYS C 292 21.11 15.67 17.94
C LYS C 292 21.09 14.61 19.04
N GLU C 293 20.41 13.48 18.77
CA GLU C 293 20.22 12.44 19.76
C GLU C 293 21.54 11.72 20.06
N LEU C 294 22.36 11.49 19.04
CA LEU C 294 23.63 10.81 19.22
C LEU C 294 24.59 11.70 20.02
N GLN C 295 24.57 13.01 19.73
CA GLN C 295 25.37 13.98 20.47
C GLN C 295 24.95 14.01 21.93
N GLU C 296 23.64 13.92 22.18
CA GLU C 296 23.09 13.94 23.53
C GLU C 296 23.62 12.75 24.33
N ILE C 297 23.62 11.56 23.72
CA ILE C 297 24.07 10.34 24.37
C ILE C 297 25.56 10.44 24.66
N MET C 298 26.34 11.02 23.74
CA MET C 298 27.78 11.15 23.89
C MET C 298 28.10 12.13 25.01
N THR C 299 27.33 13.23 25.11
CA THR C 299 27.49 14.21 26.17
C THR C 299 27.25 13.55 27.53
N ASN C 300 26.19 12.72 27.61
CA ASN C 300 25.80 12.05 28.84
C ASN C 300 26.90 11.11 29.33
N LYS C 301 27.62 10.48 28.39
CA LYS C 301 28.60 9.45 28.71
C LYS C 301 30.02 10.04 28.76
N GLY C 302 30.16 11.31 28.40
CA GLY C 302 31.44 11.99 28.40
C GLY C 302 32.36 11.51 27.27
N TYR C 303 31.78 11.28 26.09
CA TYR C 303 32.53 10.97 24.89
C TYR C 303 32.55 12.20 23.98
N LYS C 304 33.71 12.47 23.37
CA LYS C 304 33.89 13.61 22.49
C LYS C 304 34.01 13.18 21.04
N THR C 305 34.36 11.91 20.80
CA THR C 305 34.50 11.36 19.45
C THR C 305 33.92 9.94 19.42
N LEU C 306 33.64 9.45 18.20
CA LEU C 306 33.09 8.12 18.00
C LEU C 306 34.16 7.06 18.29
N ASP C 307 35.43 7.44 18.09
CA ASP C 307 36.58 6.57 18.37
C ASP C 307 36.61 6.09 19.81
N GLU C 308 35.95 6.82 20.72
CA GLU C 308 36.01 6.50 22.14
C GLU C 308 35.15 5.29 22.50
N PHE C 309 34.26 4.85 21.59
CA PHE C 309 33.40 3.72 21.90
C PHE C 309 33.18 2.78 20.72
N ARG C 310 33.70 3.10 19.52
CA ARG C 310 33.47 2.24 18.37
C ARG C 310 34.07 0.86 18.64
N GLY C 311 33.22 -0.17 18.60
CA GLY C 311 33.65 -1.56 18.69
C GLY C 311 34.05 -1.95 20.12
N ARG C 312 33.58 -1.19 21.12
CA ARG C 312 33.97 -1.41 22.50
C ARG C 312 32.83 -2.00 23.32
N VAL C 313 31.89 -2.67 22.65
CA VAL C 313 30.85 -3.42 23.35
C VAL C 313 31.54 -4.44 24.25
N LYS C 314 31.06 -4.56 25.49
CA LYS C 314 31.65 -5.43 26.48
C LYS C 314 30.84 -6.73 26.57
N THR C 315 31.55 -7.86 26.69
CA THR C 315 30.93 -9.14 27.01
C THR C 315 30.94 -9.30 28.53
N MET C 316 30.22 -10.31 29.03
CA MET C 316 30.09 -10.54 30.46
C MET C 316 31.24 -11.42 30.95
N MET D 5 -19.08 -24.56 17.36
CA MET D 5 -17.69 -24.05 17.57
C MET D 5 -16.79 -25.19 18.05
N SER D 6 -15.66 -25.39 17.37
CA SER D 6 -14.72 -26.44 17.73
C SER D 6 -13.30 -26.04 17.35
N LEU D 7 -12.37 -26.19 18.30
CA LEU D 7 -10.95 -25.96 18.05
C LEU D 7 -10.24 -27.30 17.87
N LYS D 8 -11.01 -28.39 17.71
CA LYS D 8 -10.44 -29.73 17.65
C LYS D 8 -9.51 -29.87 16.46
N VAL D 9 -8.45 -30.67 16.65
CA VAL D 9 -7.50 -31.01 15.61
C VAL D 9 -7.35 -32.53 15.61
N ASN D 10 -7.56 -33.14 14.43
CA ASN D 10 -7.53 -34.59 14.29
C ASN D 10 -6.38 -34.97 13.37
N ILE D 11 -5.22 -35.27 13.97
CA ILE D 11 -3.97 -35.50 13.25
C ILE D 11 -3.15 -36.56 13.96
N LEU D 12 -2.26 -37.21 13.19
CA LEU D 12 -1.29 -38.18 13.69
C LEU D 12 -1.97 -39.25 14.55
N GLY D 13 -3.23 -39.58 14.20
CA GLY D 13 -3.97 -40.63 14.88
C GLY D 13 -4.38 -40.25 16.31
N HIS D 14 -4.45 -38.94 16.58
CA HIS D 14 -4.89 -38.43 17.87
C HIS D 14 -5.98 -37.38 17.68
N GLU D 15 -6.70 -37.09 18.76
CA GLU D 15 -7.60 -35.95 18.81
C GLU D 15 -7.05 -34.94 19.83
N PHE D 16 -6.87 -33.70 19.38
CA PHE D 16 -6.47 -32.59 20.23
C PHE D 16 -7.68 -31.69 20.46
N SER D 17 -7.86 -31.24 21.71
CA SER D 17 -9.00 -30.39 22.07
C SER D 17 -8.87 -29.02 21.42
N ASN D 18 -7.62 -28.58 21.20
CA ASN D 18 -7.34 -27.29 20.60
C ASN D 18 -5.94 -27.36 19.97
N PRO D 19 -5.54 -26.39 19.12
CA PRO D 19 -4.28 -26.50 18.38
C PRO D 19 -3.05 -26.01 19.15
N PHE D 20 -3.23 -25.58 20.40
CA PHE D 20 -2.18 -24.87 21.14
C PHE D 20 -1.34 -25.85 21.95
N MET D 21 -0.03 -25.59 21.96
CA MET D 21 0.92 -26.29 22.82
C MET D 21 2.09 -25.36 23.13
N ASN D 22 2.94 -25.76 24.06
CA ASN D 22 4.18 -25.04 24.34
C ASN D 22 5.15 -25.27 23.18
N ALA D 23 6.00 -24.26 22.93
CA ALA D 23 7.18 -24.43 22.11
C ALA D 23 8.21 -25.23 22.92
N ALA D 24 8.93 -26.13 22.25
CA ALA D 24 9.95 -26.92 22.93
C ALA D 24 10.90 -26.00 23.67
N GLY D 25 11.23 -26.35 24.92
CA GLY D 25 12.19 -25.63 25.73
C GLY D 25 11.54 -24.65 26.72
N VAL D 26 10.26 -24.34 26.52
CA VAL D 26 9.56 -23.40 27.38
C VAL D 26 8.57 -24.18 28.24
N LEU D 27 8.79 -24.16 29.57
CA LEU D 27 7.94 -24.81 30.55
C LEU D 27 7.78 -26.29 30.21
N CYS D 28 8.91 -27.02 30.13
CA CYS D 28 8.88 -28.44 29.79
C CYS D 28 10.19 -29.16 30.07
N THR D 29 10.99 -28.65 31.02
CA THR D 29 12.27 -29.28 31.35
C THR D 29 12.07 -30.28 32.49
N THR D 30 11.34 -29.87 33.53
CA THR D 30 11.20 -30.65 34.75
C THR D 30 9.84 -31.33 34.79
N GLU D 31 9.62 -32.14 35.82
CA GLU D 31 8.35 -32.83 36.03
C GLU D 31 7.27 -31.81 36.37
N GLU D 32 7.60 -30.84 37.23
CA GLU D 32 6.66 -29.80 37.63
C GLU D 32 6.22 -28.99 36.40
N ASP D 33 7.17 -28.64 35.52
CA ASP D 33 6.87 -27.92 34.29
C ASP D 33 5.87 -28.71 33.45
N LEU D 34 6.17 -29.99 33.25
CA LEU D 34 5.35 -30.87 32.42
C LEU D 34 3.96 -31.06 33.06
N ARG D 35 3.91 -31.03 34.39
CA ARG D 35 2.64 -31.17 35.10
C ARG D 35 1.79 -29.92 34.90
N ARG D 36 2.41 -28.73 34.96
CA ARG D 36 1.70 -27.48 34.77
C ARG D 36 1.15 -27.40 33.35
N MET D 37 1.93 -27.88 32.36
CA MET D 37 1.50 -27.87 30.97
C MET D 37 0.31 -28.81 30.78
N THR D 38 0.35 -29.98 31.42
CA THR D 38 -0.72 -30.96 31.34
C THR D 38 -1.99 -30.40 32.00
N GLU D 39 -1.84 -29.64 33.09
CA GLU D 39 -2.98 -29.07 33.81
C GLU D 39 -3.60 -27.91 33.04
N SER D 40 -2.80 -27.28 32.16
CA SER D 40 -3.23 -26.13 31.38
C SER D 40 -4.34 -26.50 30.40
N GLU D 41 -4.91 -25.48 29.76
CA GLU D 41 -5.96 -25.65 28.75
C GLU D 41 -5.36 -25.96 27.38
N SER D 42 -4.03 -26.16 27.32
CA SER D 42 -3.35 -26.44 26.07
C SER D 42 -3.84 -27.77 25.50
N GLY D 43 -3.86 -27.86 24.15
CA GLY D 43 -4.27 -29.05 23.46
C GLY D 43 -3.23 -30.17 23.54
N SER D 44 -1.96 -29.77 23.73
CA SER D 44 -0.87 -30.73 23.86
C SER D 44 0.31 -30.07 24.58
N LEU D 45 1.40 -30.83 24.71
CA LEU D 45 2.67 -30.29 25.20
C LEU D 45 3.82 -31.07 24.57
N ILE D 46 5.04 -30.52 24.70
CA ILE D 46 6.25 -31.14 24.18
C ILE D 46 7.35 -31.00 25.22
N GLY D 47 8.14 -32.07 25.40
CA GLY D 47 9.23 -32.07 26.34
C GLY D 47 10.41 -31.23 25.83
N LYS D 48 11.23 -30.75 26.77
CA LYS D 48 12.47 -30.06 26.45
C LYS D 48 13.30 -30.91 25.49
N SER D 49 13.93 -30.28 24.50
CA SER D 49 14.84 -30.98 23.61
C SER D 49 15.97 -31.60 24.42
N CYS D 50 16.09 -32.94 24.38
CA CYS D 50 16.92 -33.66 25.32
C CYS D 50 18.15 -34.25 24.63
N THR D 51 19.11 -34.68 25.46
CA THR D 51 20.32 -35.36 25.03
C THR D 51 20.39 -36.71 25.73
N LEU D 52 21.33 -37.56 25.31
CA LEU D 52 21.47 -38.91 25.84
C LEU D 52 21.72 -38.85 27.35
N ALA D 53 22.64 -37.97 27.74
CA ALA D 53 22.91 -37.69 29.14
C ALA D 53 22.35 -36.31 29.49
N PRO D 54 22.09 -36.02 30.78
CA PRO D 54 21.69 -34.67 31.18
C PRO D 54 22.71 -33.60 30.80
N ARG D 55 22.26 -32.36 30.69
CA ARG D 55 23.13 -31.22 30.42
C ARG D 55 22.74 -30.08 31.34
N THR D 56 23.74 -29.35 31.86
CA THR D 56 23.51 -28.18 32.70
C THR D 56 23.15 -26.99 31.80
N GLY D 57 23.61 -27.03 30.55
CA GLY D 57 23.40 -25.94 29.60
C GLY D 57 24.54 -24.93 29.64
N ASN D 58 24.27 -23.73 29.11
CA ASN D 58 25.24 -22.65 29.01
C ASN D 58 25.27 -21.85 30.31
N PRO D 59 26.36 -21.09 30.60
CA PRO D 59 26.43 -20.26 31.79
C PRO D 59 25.39 -19.12 31.83
N GLU D 60 24.92 -18.82 33.05
CA GLU D 60 23.98 -17.74 33.32
C GLU D 60 24.63 -16.36 33.33
N PRO D 61 23.90 -15.25 33.07
CA PRO D 61 22.52 -15.29 32.59
C PRO D 61 22.42 -15.66 31.11
N ARG D 62 21.39 -16.43 30.75
CA ARG D 62 21.28 -16.99 29.41
C ARG D 62 19.89 -16.78 28.81
N TYR D 63 19.06 -15.96 29.49
CA TYR D 63 17.78 -15.54 28.95
C TYR D 63 17.59 -14.07 29.31
N PHE D 64 17.05 -13.29 28.36
CA PHE D 64 16.73 -11.89 28.61
C PHE D 64 15.45 -11.53 27.88
N GLY D 65 14.48 -11.00 28.64
CA GLY D 65 13.21 -10.57 28.08
C GLY D 65 13.30 -9.15 27.50
N LEU D 66 12.73 -8.98 26.31
CA LEU D 66 12.77 -7.71 25.59
C LEU D 66 11.34 -7.21 25.42
N PRO D 67 11.12 -5.89 25.21
CA PRO D 67 9.81 -5.38 24.82
C PRO D 67 9.17 -6.13 23.65
N LEU D 68 9.99 -6.58 22.68
CA LEU D 68 9.49 -7.19 21.46
C LEU D 68 9.75 -8.69 21.42
N GLY D 69 10.15 -9.28 22.55
CA GLY D 69 10.27 -10.73 22.63
C GLY D 69 11.34 -11.17 23.63
N SER D 70 12.32 -11.94 23.13
CA SER D 70 13.34 -12.53 23.98
C SER D 70 14.60 -12.83 23.19
N ILE D 71 15.72 -12.88 23.91
CA ILE D 71 16.96 -13.46 23.42
C ILE D 71 17.43 -14.50 24.45
N ASN D 72 17.95 -15.63 23.97
CA ASN D 72 18.37 -16.70 24.86
C ASN D 72 19.56 -17.45 24.26
N SER D 73 20.38 -18.01 25.15
CA SER D 73 21.37 -19.01 24.79
C SER D 73 21.39 -20.09 25.87
N MET D 74 20.27 -20.81 26.01
CA MET D 74 20.08 -21.77 27.10
C MET D 74 21.13 -22.87 27.00
N GLY D 75 21.32 -23.42 25.79
CA GLY D 75 22.32 -24.43 25.53
C GLY D 75 21.84 -25.84 25.86
N LEU D 76 20.55 -26.09 25.67
CA LEU D 76 19.92 -27.40 25.82
C LEU D 76 20.12 -27.94 27.24
N PRO D 77 19.76 -27.17 28.30
CA PRO D 77 19.70 -27.75 29.64
C PRO D 77 18.54 -28.72 29.78
N ASN D 78 18.84 -29.99 30.06
CA ASN D 78 17.82 -31.02 30.08
C ASN D 78 18.19 -32.11 31.10
N LEU D 79 17.18 -32.89 31.49
CA LEU D 79 17.34 -33.91 32.52
C LEU D 79 17.70 -35.26 31.89
N GLY D 80 17.91 -35.29 30.57
CA GLY D 80 18.39 -36.47 29.88
C GLY D 80 17.24 -37.32 29.35
N VAL D 81 17.52 -38.07 28.27
CA VAL D 81 16.50 -38.82 27.55
C VAL D 81 15.79 -39.80 28.48
N ASP D 82 16.54 -40.41 29.41
CA ASP D 82 16.01 -41.41 30.31
C ASP D 82 14.85 -40.84 31.13
N PHE D 83 14.97 -39.57 31.55
CA PHE D 83 13.93 -38.92 32.35
C PHE D 83 12.66 -38.76 31.53
N TYR D 84 12.79 -38.27 30.29
CA TYR D 84 11.64 -37.91 29.47
C TYR D 84 10.95 -39.18 28.98
N LEU D 85 11.72 -40.25 28.76
CA LEU D 85 11.16 -41.55 28.40
C LEU D 85 10.38 -42.13 29.57
N SER D 86 10.79 -41.80 30.80
CA SER D 86 10.13 -42.26 32.01
C SER D 86 8.83 -41.50 32.24
N TYR D 87 8.84 -40.19 31.98
CA TYR D 87 7.62 -39.38 32.08
C TYR D 87 6.61 -39.88 31.06
N ALA D 88 7.10 -40.21 29.86
CA ALA D 88 6.26 -40.67 28.76
C ALA D 88 5.63 -42.03 29.09
N ALA D 89 6.40 -42.89 29.75
CA ALA D 89 5.99 -44.26 30.00
C ALA D 89 5.12 -44.37 31.25
N GLN D 90 5.47 -43.62 32.31
CA GLN D 90 4.95 -43.87 33.64
C GLN D 90 4.10 -42.71 34.16
N THR D 91 4.51 -41.46 33.88
CA THR D 91 4.03 -40.31 34.62
C THR D 91 2.91 -39.58 33.87
N HIS D 92 3.07 -39.40 32.55
CA HIS D 92 2.16 -38.56 31.79
C HIS D 92 0.75 -39.17 31.75
N ASP D 93 -0.25 -38.31 31.98
CA ASP D 93 -1.65 -38.66 31.87
C ASP D 93 -2.11 -38.40 30.44
N TYR D 94 -2.23 -39.48 29.64
CA TYR D 94 -2.60 -39.38 28.24
C TYR D 94 -4.11 -39.16 28.10
N SER D 95 -4.85 -39.28 29.21
CA SER D 95 -6.28 -38.98 29.22
C SER D 95 -6.50 -37.47 29.11
N ARG D 96 -5.50 -36.70 29.55
CA ARG D 96 -5.55 -35.24 29.49
C ARG D 96 -5.29 -34.78 28.06
N LYS D 97 -4.11 -35.13 27.52
CA LYS D 97 -3.70 -34.70 26.19
C LYS D 97 -2.54 -35.55 25.70
N PRO D 98 -2.32 -35.64 24.36
CA PRO D 98 -1.14 -36.32 23.81
C PRO D 98 0.17 -35.66 24.20
N LEU D 99 1.27 -36.42 24.06
CA LEU D 99 2.60 -35.99 24.46
C LEU D 99 3.56 -36.08 23.27
N PHE D 100 4.32 -35.01 23.04
CA PHE D 100 5.46 -35.00 22.13
C PHE D 100 6.74 -35.00 22.95
N LEU D 101 7.79 -35.65 22.42
CA LEU D 101 9.14 -35.53 22.96
C LEU D 101 10.04 -34.92 21.88
N SER D 102 10.75 -33.84 22.25
CA SER D 102 11.78 -33.27 21.41
C SER D 102 13.11 -33.95 21.73
N MET D 103 13.85 -34.35 20.69
CA MET D 103 15.15 -34.96 20.86
C MET D 103 16.17 -34.22 19.99
N SER D 104 17.28 -33.81 20.63
CA SER D 104 18.28 -32.96 20.01
C SER D 104 19.68 -33.45 20.38
N GLY D 105 19.99 -34.68 19.94
CA GLY D 105 21.35 -35.21 20.06
C GLY D 105 22.35 -34.29 19.36
N LEU D 106 23.55 -34.20 19.93
CA LEU D 106 24.58 -33.29 19.41
C LEU D 106 25.35 -33.95 18.28
N SER D 107 24.99 -35.20 17.96
CA SER D 107 25.50 -35.90 16.79
C SER D 107 24.43 -36.88 16.30
N VAL D 108 24.58 -37.38 15.07
CA VAL D 108 23.63 -38.32 14.49
C VAL D 108 23.63 -39.60 15.31
N GLU D 109 24.82 -40.00 15.80
CA GLU D 109 24.98 -41.22 16.57
C GLU D 109 24.18 -41.12 17.88
N GLU D 110 24.27 -39.95 18.54
CA GLU D 110 23.54 -39.71 19.78
C GLU D 110 22.05 -39.81 19.51
N SER D 111 21.58 -39.12 18.46
CA SER D 111 20.17 -39.11 18.08
C SER D 111 19.67 -40.52 17.77
N VAL D 112 20.48 -41.30 17.05
CA VAL D 112 20.13 -42.67 16.66
C VAL D 112 19.92 -43.51 17.92
N GLU D 113 20.83 -43.38 18.89
CA GLU D 113 20.77 -44.14 20.13
C GLU D 113 19.52 -43.74 20.93
N MET D 114 19.15 -42.46 20.85
CA MET D 114 18.04 -41.92 21.63
C MET D 114 16.70 -42.40 21.09
N VAL D 115 16.53 -42.37 19.76
CA VAL D 115 15.25 -42.68 19.14
C VAL D 115 14.96 -44.18 19.25
N LYS D 116 16.01 -45.01 19.17
CA LYS D 116 15.87 -46.44 19.38
C LYS D 116 15.16 -46.72 20.70
N LYS D 117 15.51 -45.95 21.75
CA LYS D 117 14.94 -46.13 23.08
C LYS D 117 13.47 -45.74 23.11
N LEU D 118 13.07 -44.79 22.26
CA LEU D 118 11.71 -44.27 22.23
C LEU D 118 10.75 -45.27 21.58
N VAL D 119 11.27 -46.11 20.68
CA VAL D 119 10.47 -46.97 19.82
C VAL D 119 9.42 -47.74 20.65
N PRO D 120 9.81 -48.55 21.66
CA PRO D 120 8.84 -49.31 22.45
C PRO D 120 7.82 -48.46 23.20
N ILE D 121 8.18 -47.21 23.52
CA ILE D 121 7.32 -46.32 24.29
C ILE D 121 6.28 -45.69 23.36
N THR D 122 6.67 -45.40 22.10
CA THR D 122 5.73 -44.93 21.10
C THR D 122 4.67 -46.00 20.85
N LYS D 123 5.13 -47.25 20.66
CA LYS D 123 4.26 -48.38 20.36
C LYS D 123 3.30 -48.65 21.52
N GLU D 124 3.76 -48.39 22.74
CA GLU D 124 2.99 -48.67 23.95
C GLU D 124 2.02 -47.51 24.24
N LYS D 125 2.56 -46.29 24.28
CA LYS D 125 1.83 -45.15 24.83
C LYS D 125 1.37 -44.16 23.75
N GLY D 126 2.04 -44.17 22.59
CA GLY D 126 1.66 -43.30 21.48
C GLY D 126 2.42 -41.97 21.50
N THR D 127 3.56 -41.93 22.21
CA THR D 127 4.39 -40.74 22.31
C THR D 127 4.94 -40.37 20.92
N ILE D 128 4.89 -39.08 20.59
CA ILE D 128 5.26 -38.59 19.27
C ILE D 128 6.65 -37.94 19.36
N LEU D 129 7.49 -38.19 18.33
CA LEU D 129 8.85 -37.67 18.26
C LEU D 129 8.89 -36.41 17.40
N GLU D 130 9.47 -35.33 17.95
CA GLU D 130 9.91 -34.17 17.19
C GLU D 130 11.45 -34.13 17.22
N LEU D 131 12.08 -34.33 16.05
CA LEU D 131 13.53 -34.31 15.93
C LEU D 131 14.00 -32.87 15.67
N ASN D 132 14.87 -32.37 16.56
CA ASN D 132 15.35 -31.00 16.50
C ASN D 132 16.52 -30.91 15.53
N LEU D 133 16.36 -30.13 14.45
CA LEU D 133 17.42 -29.87 13.50
C LEU D 133 17.85 -28.40 13.55
N SER D 134 17.65 -27.74 14.70
N SER D 134 17.58 -27.74 14.69
CA SER D 134 17.82 -26.30 14.79
CA SER D 134 17.91 -26.35 14.89
C SER D 134 18.18 -25.87 16.21
C SER D 134 19.06 -26.23 15.88
N ALA D 135 19.30 -26.37 16.72
N ALA D 135 18.72 -25.99 17.15
CA ALA D 135 19.80 -25.96 18.02
CA ALA D 135 19.72 -25.90 18.21
C ALA D 135 20.87 -24.89 17.85
C ALA D 135 20.81 -24.91 17.81
N PRO D 136 20.54 -23.58 17.90
CA PRO D 136 21.50 -22.54 17.53
C PRO D 136 22.42 -22.06 18.65
N ASN D 137 22.32 -22.66 19.85
CA ASN D 137 22.96 -22.10 21.03
C ASN D 137 23.96 -23.07 21.64
N VAL D 138 24.44 -24.05 20.85
CA VAL D 138 25.45 -24.98 21.30
C VAL D 138 26.79 -24.55 20.70
N PRO D 139 27.77 -24.10 21.52
CA PRO D 139 29.06 -23.69 20.99
C PRO D 139 29.76 -24.77 20.16
N GLY D 140 30.05 -24.45 18.90
CA GLY D 140 30.82 -25.32 18.01
C GLY D 140 29.95 -26.27 17.21
N LYS D 141 28.62 -26.12 17.31
CA LYS D 141 27.68 -27.00 16.62
C LYS D 141 26.78 -26.17 15.72
N PRO D 142 27.04 -26.15 14.38
CA PRO D 142 26.12 -25.51 13.44
C PRO D 142 24.71 -26.10 13.49
N GLN D 143 23.71 -25.30 13.09
CA GLN D 143 22.35 -25.79 12.96
C GLN D 143 22.29 -26.77 11.80
N VAL D 144 21.90 -28.02 12.09
CA VAL D 144 21.92 -29.10 11.12
C VAL D 144 21.07 -28.73 9.90
N GLY D 145 19.96 -28.03 10.12
CA GLY D 145 19.00 -27.70 9.07
C GLY D 145 19.56 -26.75 8.02
N TYR D 146 20.70 -26.11 8.31
CA TYR D 146 21.33 -25.19 7.35
C TYR D 146 22.36 -25.94 6.49
N ASP D 147 22.53 -27.24 6.74
CA ASP D 147 23.33 -28.09 5.86
C ASP D 147 22.46 -29.24 5.38
N PHE D 148 22.14 -29.24 4.08
CA PHE D 148 21.15 -30.14 3.52
C PHE D 148 21.72 -31.55 3.37
N ASP D 149 23.04 -31.66 3.21
CA ASP D 149 23.70 -32.95 3.16
C ASP D 149 23.65 -33.61 4.54
N THR D 150 23.93 -32.83 5.58
CA THR D 150 23.90 -33.33 6.96
C THR D 150 22.46 -33.67 7.35
N THR D 151 21.51 -32.81 6.95
CA THR D 151 20.10 -33.03 7.22
C THR D 151 19.66 -34.38 6.63
N ARG D 152 20.08 -34.65 5.39
CA ARG D 152 19.70 -35.87 4.69
C ARG D 152 20.24 -37.09 5.44
N THR D 153 21.48 -36.99 5.97
CA THR D 153 22.10 -38.07 6.70
C THR D 153 21.32 -38.36 7.98
N TYR D 154 20.95 -37.30 8.72
CA TYR D 154 20.19 -37.42 9.95
C TYR D 154 18.86 -38.13 9.69
N LEU D 155 18.15 -37.70 8.64
CA LEU D 155 16.81 -38.21 8.35
C LEU D 155 16.89 -39.67 7.90
N GLN D 156 17.94 -40.02 7.15
CA GLN D 156 18.16 -41.39 6.72
C GLN D 156 18.34 -42.32 7.93
N LYS D 157 19.24 -41.93 8.83
CA LYS D 157 19.64 -42.79 9.95
C LYS D 157 18.55 -42.84 11.01
N VAL D 158 17.84 -41.72 11.24
CA VAL D 158 16.77 -41.69 12.22
C VAL D 158 15.57 -42.47 11.68
N SER D 159 15.31 -42.35 10.37
CA SER D 159 14.25 -43.13 9.73
C SER D 159 14.51 -44.62 9.91
N GLU D 160 15.74 -45.04 9.62
CA GLU D 160 16.14 -46.43 9.70
C GLU D 160 16.03 -46.95 11.13
N ALA D 161 16.43 -46.12 12.11
CA ALA D 161 16.57 -46.54 13.49
C ALA D 161 15.23 -46.50 14.22
N TYR D 162 14.42 -45.46 13.96
CA TYR D 162 13.15 -45.28 14.64
C TYR D 162 12.06 -46.07 13.90
N GLY D 163 12.00 -45.91 12.57
CA GLY D 163 11.15 -46.73 11.72
C GLY D 163 9.66 -46.41 11.85
N LEU D 164 9.33 -45.30 12.53
CA LEU D 164 7.96 -44.88 12.74
C LEU D 164 7.79 -43.44 12.25
N PRO D 165 6.54 -42.96 12.05
CA PRO D 165 6.31 -41.56 11.72
C PRO D 165 6.80 -40.59 12.80
N PHE D 166 7.48 -39.52 12.37
CA PHE D 166 8.02 -38.52 13.29
C PHE D 166 8.00 -37.15 12.62
N GLY D 167 8.35 -36.12 13.39
CA GLY D 167 8.40 -34.75 12.90
C GLY D 167 9.76 -34.11 13.09
N VAL D 168 9.93 -32.91 12.52
CA VAL D 168 11.20 -32.20 12.55
C VAL D 168 10.95 -30.74 12.94
N LYS D 169 11.85 -30.20 13.79
CA LYS D 169 11.88 -28.79 14.12
C LYS D 169 12.95 -28.13 13.25
N MET D 170 12.52 -27.18 12.40
CA MET D 170 13.39 -26.59 11.40
C MET D 170 13.86 -25.21 11.85
N PRO D 171 15.08 -24.80 11.45
CA PRO D 171 15.48 -23.40 11.59
C PRO D 171 14.80 -22.54 10.53
N PRO D 172 14.64 -21.21 10.74
CA PRO D 172 14.03 -20.36 9.74
C PRO D 172 14.90 -20.20 8.49
N TYR D 173 14.27 -20.21 7.31
CA TYR D 173 14.95 -19.92 6.06
C TYR D 173 14.50 -18.56 5.55
N PHE D 174 15.36 -17.91 4.75
CA PHE D 174 15.16 -16.53 4.34
C PHE D 174 15.37 -16.36 2.84
N ASP D 175 15.37 -17.47 2.09
CA ASP D 175 15.62 -17.45 0.66
C ASP D 175 14.75 -18.53 0.01
N ILE D 176 14.17 -18.20 -1.15
CA ILE D 176 13.25 -19.11 -1.84
C ILE D 176 13.99 -20.39 -2.22
N ALA D 177 15.27 -20.26 -2.60
CA ALA D 177 16.07 -21.40 -3.00
C ALA D 177 16.27 -22.37 -1.83
N HIS D 178 16.30 -21.83 -0.59
CA HIS D 178 16.48 -22.64 0.59
C HIS D 178 15.19 -23.38 0.95
N PHE D 179 14.04 -22.73 0.77
CA PHE D 179 12.75 -23.39 0.93
C PHE D 179 12.70 -24.60 -0.01
N ASP D 180 13.16 -24.40 -1.24
CA ASP D 180 13.16 -25.45 -2.26
C ASP D 180 14.10 -26.58 -1.84
N MET D 181 15.32 -26.24 -1.42
CA MET D 181 16.32 -27.23 -1.07
C MET D 181 15.89 -28.01 0.17
N ALA D 182 15.33 -27.32 1.16
CA ALA D 182 14.88 -27.96 2.39
C ALA D 182 13.72 -28.91 2.10
N ALA D 183 12.78 -28.46 1.26
CA ALA D 183 11.61 -29.26 0.90
C ALA D 183 12.04 -30.52 0.13
N ALA D 184 13.06 -30.37 -0.73
CA ALA D 184 13.55 -31.47 -1.55
C ALA D 184 14.11 -32.60 -0.67
N VAL D 185 14.75 -32.23 0.45
CA VAL D 185 15.26 -33.21 1.40
C VAL D 185 14.09 -33.86 2.11
N LEU D 186 13.21 -33.04 2.70
CA LEU D 186 12.14 -33.51 3.57
C LEU D 186 11.18 -34.45 2.80
N ASN D 187 10.92 -34.13 1.53
CA ASN D 187 9.97 -34.88 0.72
C ASN D 187 10.52 -36.24 0.31
N ASP D 188 11.83 -36.47 0.53
CA ASP D 188 12.46 -37.75 0.23
C ASP D 188 12.29 -38.73 1.39
N PHE D 189 11.71 -38.29 2.51
CA PHE D 189 11.53 -39.14 3.69
C PHE D 189 10.05 -39.24 4.04
N PRO D 190 9.37 -40.34 3.63
CA PRO D 190 7.94 -40.50 3.90
C PRO D 190 7.57 -40.52 5.39
N LEU D 191 8.52 -40.92 6.24
CA LEU D 191 8.27 -41.08 7.68
C LEU D 191 8.17 -39.72 8.37
N VAL D 192 8.73 -38.67 7.77
CA VAL D 192 8.58 -37.32 8.30
C VAL D 192 7.17 -36.84 7.96
N LYS D 193 6.31 -36.75 8.98
CA LYS D 193 4.89 -36.49 8.80
C LYS D 193 4.49 -35.10 9.29
N PHE D 194 5.40 -34.40 9.99
CA PHE D 194 5.12 -33.01 10.34
C PHE D 194 6.43 -32.22 10.42
N ILE D 195 6.32 -30.92 10.13
CA ILE D 195 7.42 -29.97 10.15
C ILE D 195 7.00 -28.82 11.07
N THR D 196 7.85 -28.50 12.06
CA THR D 196 7.60 -27.36 12.93
C THR D 196 8.43 -26.17 12.45
N CYS D 197 7.72 -25.10 12.06
CA CYS D 197 8.33 -23.85 11.61
C CYS D 197 7.90 -22.73 12.55
N VAL D 198 8.82 -22.07 13.27
CA VAL D 198 10.26 -22.18 13.13
C VAL D 198 10.89 -22.19 14.52
N ASN D 199 12.19 -22.52 14.57
CA ASN D 199 13.01 -22.28 15.75
C ASN D 199 13.38 -20.81 15.79
N SER D 200 14.12 -20.40 16.83
CA SER D 200 14.56 -19.02 17.00
C SER D 200 15.27 -18.52 15.75
N ILE D 201 15.17 -17.21 15.51
CA ILE D 201 16.07 -16.55 14.57
C ILE D 201 17.45 -16.50 15.23
N GLY D 202 18.40 -17.24 14.64
CA GLY D 202 19.65 -17.56 15.32
C GLY D 202 20.59 -16.37 15.41
N ASN D 203 21.33 -16.32 16.53
CA ASN D 203 22.55 -15.54 16.65
C ASN D 203 22.27 -14.06 16.43
N GLY D 204 21.26 -13.54 17.14
CA GLY D 204 21.06 -12.11 17.29
C GLY D 204 21.89 -11.58 18.45
N LEU D 205 22.00 -10.25 18.57
CA LEU D 205 22.79 -9.62 19.60
C LEU D 205 22.03 -8.42 20.17
N VAL D 206 21.88 -8.40 21.49
CA VAL D 206 21.25 -7.29 22.19
C VAL D 206 22.28 -6.67 23.14
N ILE D 207 22.34 -5.33 23.13
CA ILE D 207 23.29 -4.56 23.92
C ILE D 207 22.52 -3.55 24.76
N ASP D 208 22.90 -3.43 26.04
CA ASP D 208 22.35 -2.44 26.95
C ASP D 208 23.12 -1.13 26.73
N PRO D 209 22.46 -0.02 26.31
CA PRO D 209 23.16 1.23 26.08
C PRO D 209 23.67 1.90 27.37
N ALA D 210 23.02 1.58 28.50
CA ALA D 210 23.39 2.14 29.79
C ALA D 210 24.82 1.74 30.17
N ASN D 211 25.14 0.45 30.04
CA ASN D 211 26.41 -0.08 30.51
C ASN D 211 27.27 -0.61 29.36
N GLU D 212 26.79 -0.48 28.11
CA GLU D 212 27.55 -0.84 26.92
C GLU D 212 27.93 -2.32 26.94
N THR D 213 27.09 -3.16 27.55
CA THR D 213 27.37 -4.58 27.71
C THR D 213 26.23 -5.39 27.11
N VAL D 214 26.55 -6.58 26.60
CA VAL D 214 25.57 -7.54 26.12
C VAL D 214 24.74 -8.02 27.31
N VAL D 215 23.55 -8.59 27.03
CA VAL D 215 22.56 -8.87 28.06
C VAL D 215 22.56 -10.35 28.44
N ILE D 216 23.28 -11.20 27.69
CA ILE D 216 23.45 -12.60 28.06
C ILE D 216 24.94 -12.94 27.99
N LYS D 217 25.34 -13.97 28.75
CA LYS D 217 26.75 -14.31 28.94
C LYS D 217 27.28 -15.17 27.81
N PRO D 218 26.60 -16.27 27.39
CA PRO D 218 27.18 -17.20 26.42
C PRO D 218 27.47 -16.59 25.06
N LYS D 219 28.50 -17.12 24.39
CA LYS D 219 28.82 -16.81 23.00
C LYS D 219 28.87 -15.31 22.74
N GLN D 220 29.50 -14.56 23.66
CA GLN D 220 29.74 -13.14 23.49
C GLN D 220 28.43 -12.37 23.29
N GLY D 221 27.33 -12.91 23.83
CA GLY D 221 26.04 -12.24 23.82
C GLY D 221 25.14 -12.66 22.67
N PHE D 222 25.63 -13.58 21.81
CA PHE D 222 24.87 -14.03 20.65
C PHE D 222 23.88 -15.10 21.08
N GLY D 223 22.59 -14.89 20.76
CA GLY D 223 21.54 -15.80 21.18
C GLY D 223 20.37 -15.80 20.19
N GLY D 224 19.48 -16.79 20.36
CA GLY D 224 18.31 -16.95 19.52
C GLY D 224 17.20 -15.96 19.90
N LEU D 225 16.60 -15.36 18.87
CA LEU D 225 15.52 -14.40 19.04
C LEU D 225 14.17 -15.11 18.96
N GLY D 226 13.26 -14.72 19.86
CA GLY D 226 11.87 -15.17 19.81
C GLY D 226 10.92 -14.01 20.06
N GLY D 227 9.61 -14.29 19.92
CA GLY D 227 8.58 -13.31 20.20
C GLY D 227 8.18 -12.54 18.94
N LYS D 228 7.89 -11.24 19.11
CA LYS D 228 7.30 -10.44 18.05
C LYS D 228 8.28 -10.26 16.89
N TYR D 229 9.57 -10.47 17.16
CA TYR D 229 10.61 -10.37 16.15
C TYR D 229 10.38 -11.35 14.99
N VAL D 230 9.78 -12.51 15.29
CA VAL D 230 9.89 -13.67 14.41
C VAL D 230 8.57 -13.97 13.69
N LEU D 231 7.50 -13.19 13.94
CA LEU D 231 6.18 -13.53 13.44
C LEU D 231 6.21 -13.61 11.91
N PRO D 232 6.67 -12.56 11.17
CA PRO D 232 6.67 -12.63 9.71
C PRO D 232 7.51 -13.76 9.14
N THR D 233 8.67 -14.03 9.77
CA THR D 233 9.52 -15.13 9.37
C THR D 233 8.79 -16.45 9.56
N ALA D 234 8.12 -16.60 10.72
CA ALA D 234 7.43 -17.83 11.05
C ALA D 234 6.31 -18.11 10.05
N LEU D 235 5.50 -17.09 9.77
CA LEU D 235 4.37 -17.22 8.84
C LEU D 235 4.88 -17.62 7.45
N ALA D 236 5.99 -17.02 7.02
CA ALA D 236 6.57 -17.30 5.71
C ALA D 236 6.98 -18.76 5.62
N ASN D 237 7.69 -19.26 6.64
CA ASN D 237 8.18 -20.63 6.66
C ASN D 237 7.00 -21.60 6.70
N VAL D 238 6.01 -21.32 7.55
CA VAL D 238 4.81 -22.14 7.66
C VAL D 238 4.18 -22.29 6.26
N ASN D 239 3.95 -21.17 5.57
CA ASN D 239 3.23 -21.17 4.31
C ASN D 239 4.07 -21.84 3.22
N ALA D 240 5.39 -21.59 3.23
CA ALA D 240 6.28 -22.11 2.21
C ALA D 240 6.30 -23.64 2.25
N PHE D 241 6.38 -24.20 3.46
CA PHE D 241 6.45 -25.65 3.64
C PHE D 241 5.06 -26.27 3.51
N PHE D 242 4.02 -25.52 3.90
CA PHE D 242 2.65 -25.98 3.72
C PHE D 242 2.40 -26.30 2.25
N ARG D 243 2.85 -25.40 1.36
CA ARG D 243 2.63 -25.53 -0.07
C ARG D 243 3.54 -26.59 -0.68
N ARG D 244 4.76 -26.74 -0.15
CA ARG D 244 5.77 -27.58 -0.78
C ARG D 244 5.68 -29.04 -0.30
N CYS D 245 5.07 -29.27 0.87
CA CYS D 245 5.07 -30.57 1.50
C CYS D 245 3.63 -31.00 1.83
N PRO D 246 2.80 -31.32 0.81
CA PRO D 246 1.40 -31.67 1.03
C PRO D 246 1.16 -32.99 1.77
N ASP D 247 2.19 -33.85 1.82
CA ASP D 247 2.10 -35.12 2.51
C ASP D 247 2.34 -34.95 4.01
N LYS D 248 2.78 -33.75 4.41
CA LYS D 248 3.17 -33.47 5.78
C LYS D 248 2.28 -32.38 6.36
N LEU D 249 2.12 -32.42 7.70
CA LEU D 249 1.49 -31.34 8.44
C LEU D 249 2.56 -30.31 8.80
N VAL D 250 2.14 -29.06 8.99
CA VAL D 250 3.04 -28.02 9.44
C VAL D 250 2.54 -27.50 10.77
N PHE D 251 3.45 -27.42 11.76
CA PHE D 251 3.16 -26.79 13.04
C PHE D 251 3.78 -25.41 13.04
N GLY D 252 2.98 -24.41 13.43
CA GLY D 252 3.42 -23.03 13.50
C GLY D 252 4.05 -22.71 14.85
N CYS D 253 5.20 -22.03 14.81
CA CYS D 253 5.89 -21.58 16.01
C CYS D 253 6.60 -20.26 15.71
N GLY D 254 6.28 -19.23 16.50
CA GLY D 254 6.94 -17.93 16.37
C GLY D 254 5.93 -16.78 16.48
N GLY D 255 6.09 -15.98 17.54
CA GLY D 255 5.46 -14.67 17.63
C GLY D 255 3.99 -14.72 18.04
N VAL D 256 3.55 -15.83 18.64
CA VAL D 256 2.16 -15.97 19.06
C VAL D 256 1.99 -15.36 20.45
N TYR D 257 1.20 -14.27 20.52
CA TYR D 257 0.87 -13.61 21.79
C TYR D 257 -0.64 -13.55 22.00
N SER D 258 -1.42 -13.89 20.97
CA SER D 258 -2.87 -13.70 21.00
C SER D 258 -3.54 -14.65 20.02
N GLY D 259 -4.87 -14.72 20.08
CA GLY D 259 -5.65 -15.52 19.16
C GLY D 259 -5.47 -15.06 17.71
N GLU D 260 -5.15 -13.77 17.54
CA GLU D 260 -4.99 -13.18 16.22
C GLU D 260 -3.76 -13.78 15.52
N GLU D 261 -2.64 -13.88 16.24
CA GLU D 261 -1.44 -14.48 15.67
C GLU D 261 -1.66 -15.97 15.42
N ALA D 262 -2.40 -16.63 16.33
CA ALA D 262 -2.75 -18.03 16.16
C ALA D 262 -3.57 -18.21 14.88
N PHE D 263 -4.54 -17.31 14.68
CA PHE D 263 -5.40 -17.33 13.51
C PHE D 263 -4.56 -17.22 12.24
N LEU D 264 -3.57 -16.33 12.24
CA LEU D 264 -2.73 -16.09 11.08
C LEU D 264 -1.89 -17.33 10.77
N HIS D 265 -1.34 -17.97 11.81
CA HIS D 265 -0.56 -19.18 11.65
C HIS D 265 -1.39 -20.27 10.96
N ILE D 266 -2.63 -20.47 11.43
CA ILE D 266 -3.51 -21.50 10.90
C ILE D 266 -3.90 -21.14 9.46
N LEU D 267 -4.18 -19.86 9.22
CA LEU D 267 -4.52 -19.36 7.90
C LEU D 267 -3.38 -19.63 6.92
N ALA D 268 -2.14 -19.56 7.42
CA ALA D 268 -0.94 -19.79 6.62
C ALA D 268 -0.73 -21.29 6.36
N GLY D 269 -1.31 -22.15 7.21
CA GLY D 269 -1.32 -23.58 6.96
C GLY D 269 -1.02 -24.44 8.19
N ALA D 270 -0.86 -23.82 9.37
CA ALA D 270 -0.47 -24.54 10.58
C ALA D 270 -1.61 -25.44 11.06
N SER D 271 -1.27 -26.68 11.41
CA SER D 271 -2.19 -27.60 12.07
C SER D 271 -2.23 -27.31 13.56
N MET D 272 -1.04 -27.32 14.19
CA MET D 272 -0.88 -26.96 15.58
C MET D 272 -0.11 -25.65 15.68
N VAL D 273 -0.24 -24.96 16.82
CA VAL D 273 0.36 -23.66 17.05
C VAL D 273 1.09 -23.69 18.38
N GLN D 274 2.41 -23.44 18.34
CA GLN D 274 3.25 -23.50 19.53
C GLN D 274 3.52 -22.09 20.05
N VAL D 275 3.68 -21.99 21.38
CA VAL D 275 3.86 -20.71 22.06
C VAL D 275 5.12 -20.79 22.91
N GLY D 276 6.08 -19.88 22.65
CA GLY D 276 7.35 -19.87 23.35
C GLY D 276 7.47 -18.67 24.28
N THR D 277 7.98 -17.54 23.74
CA THR D 277 8.30 -16.36 24.53
C THR D 277 7.09 -15.90 25.33
N ALA D 278 5.91 -15.83 24.70
CA ALA D 278 4.71 -15.34 25.36
C ALA D 278 4.35 -16.22 26.56
N LEU D 279 4.58 -17.54 26.43
CA LEU D 279 4.34 -18.49 27.50
C LEU D 279 5.34 -18.28 28.63
N HIS D 280 6.61 -18.07 28.27
CA HIS D 280 7.68 -17.82 29.22
C HIS D 280 7.33 -16.60 30.07
N ASP D 281 6.71 -15.60 29.44
CA ASP D 281 6.32 -14.36 30.10
C ASP D 281 5.10 -14.57 30.98
N GLU D 282 4.02 -15.10 30.38
CA GLU D 282 2.69 -15.05 30.97
C GLU D 282 2.43 -16.25 31.88
N GLY D 283 3.05 -17.39 31.55
CA GLY D 283 2.78 -18.63 32.25
C GLY D 283 1.64 -19.41 31.59
N PRO D 284 1.34 -20.65 32.03
CA PRO D 284 0.40 -21.52 31.34
C PRO D 284 -1.06 -21.06 31.34
N ILE D 285 -1.37 -19.95 32.03
CA ILE D 285 -2.70 -19.35 31.98
C ILE D 285 -2.99 -18.82 30.57
N ILE D 286 -1.93 -18.58 29.78
CA ILE D 286 -2.07 -18.01 28.44
C ILE D 286 -2.97 -18.89 27.57
N PHE D 287 -2.94 -20.21 27.78
CA PHE D 287 -3.63 -21.13 26.89
C PHE D 287 -5.15 -20.94 26.99
N ALA D 288 -5.64 -20.62 28.20
CA ALA D 288 -7.05 -20.30 28.39
C ALA D 288 -7.42 -19.08 27.57
N ARG D 289 -6.56 -18.06 27.59
CA ARG D 289 -6.78 -16.80 26.89
C ARG D 289 -6.78 -17.03 25.38
N LEU D 290 -5.85 -17.85 24.89
CA LEU D 290 -5.70 -18.08 23.46
C LEU D 290 -6.90 -18.82 22.89
N ASN D 291 -7.42 -19.80 23.65
CA ASN D 291 -8.62 -20.52 23.25
C ASN D 291 -9.78 -19.55 23.07
N LYS D 292 -10.00 -18.71 24.09
CA LYS D 292 -11.08 -17.74 24.10
C LYS D 292 -10.96 -16.77 22.91
N GLU D 293 -9.73 -16.27 22.69
CA GLU D 293 -9.49 -15.25 21.68
C GLU D 293 -9.67 -15.81 20.27
N LEU D 294 -9.21 -17.05 20.04
CA LEU D 294 -9.33 -17.68 18.74
C LEU D 294 -10.80 -17.96 18.44
N GLN D 295 -11.55 -18.37 19.47
CA GLN D 295 -12.98 -18.65 19.33
C GLN D 295 -13.74 -17.36 18.99
N GLU D 296 -13.30 -16.24 19.58
CA GLU D 296 -13.93 -14.94 19.35
C GLU D 296 -13.76 -14.53 17.90
N ILE D 297 -12.54 -14.72 17.36
CA ILE D 297 -12.25 -14.37 15.97
C ILE D 297 -13.10 -15.24 15.04
N MET D 298 -13.18 -16.54 15.34
CA MET D 298 -13.89 -17.49 14.50
C MET D 298 -15.39 -17.18 14.50
N THR D 299 -15.95 -16.81 15.65
CA THR D 299 -17.36 -16.47 15.76
C THR D 299 -17.66 -15.22 14.93
N ASN D 300 -16.74 -14.25 14.95
CA ASN D 300 -16.88 -13.01 14.19
C ASN D 300 -16.95 -13.31 12.69
N LYS D 301 -16.16 -14.28 12.24
CA LYS D 301 -16.03 -14.57 10.81
C LYS D 301 -16.98 -15.68 10.37
N GLY D 302 -17.64 -16.34 11.33
CA GLY D 302 -18.61 -17.38 11.04
C GLY D 302 -17.95 -18.71 10.68
N TYR D 303 -16.78 -18.98 11.28
CA TYR D 303 -16.11 -20.26 11.15
C TYR D 303 -16.48 -21.13 12.36
N LYS D 304 -16.77 -22.41 12.10
CA LYS D 304 -17.19 -23.35 13.13
C LYS D 304 -16.08 -24.36 13.45
N THR D 305 -15.14 -24.53 12.51
CA THR D 305 -14.01 -25.43 12.69
C THR D 305 -12.77 -24.77 12.11
N LEU D 306 -11.59 -25.32 12.44
CA LEU D 306 -10.32 -24.81 11.95
C LEU D 306 -10.13 -25.17 10.47
N ASP D 307 -10.74 -26.28 10.04
CA ASP D 307 -10.66 -26.74 8.66
C ASP D 307 -11.26 -25.72 7.69
N GLU D 308 -12.10 -24.82 8.20
CA GLU D 308 -12.80 -23.85 7.36
C GLU D 308 -11.86 -22.77 6.82
N PHE D 309 -10.72 -22.55 7.49
CA PHE D 309 -9.81 -21.47 7.07
C PHE D 309 -8.34 -21.89 7.10
N ARG D 310 -8.02 -23.10 7.59
CA ARG D 310 -6.63 -23.54 7.61
C ARG D 310 -6.06 -23.55 6.20
N GLY D 311 -4.97 -22.80 6.00
CA GLY D 311 -4.24 -22.79 4.75
C GLY D 311 -4.95 -22.01 3.64
N ARG D 312 -5.94 -21.20 4.01
CA ARG D 312 -6.77 -20.50 3.03
C ARG D 312 -6.36 -19.03 2.91
N VAL D 313 -5.14 -18.69 3.33
CA VAL D 313 -4.60 -17.36 3.13
C VAL D 313 -4.73 -17.00 1.65
N LYS D 314 -5.18 -15.77 1.37
CA LYS D 314 -5.40 -15.32 0.00
C LYS D 314 -4.19 -14.53 -0.48
N THR D 315 -3.85 -14.74 -1.76
CA THR D 315 -2.85 -13.93 -2.45
C THR D 315 -3.58 -13.06 -3.47
N MET D 316 -2.87 -12.06 -4.01
CA MET D 316 -3.46 -11.05 -4.87
C MET D 316 -3.23 -11.40 -6.35
#